data_4ZC0
#
_entry.id   4ZC0
#
_cell.length_a   283.467
_cell.length_b   283.467
_cell.length_c   283.467
_cell.angle_alpha   90.00
_cell.angle_beta   90.00
_cell.angle_gamma   90.00
#
_symmetry.space_group_name_H-M   'I 21 3'
#
loop_
_entity.id
_entity.type
_entity.pdbx_description
1 polymer 'Replicative DNA helicase'
2 non-polymer 'HEXATANTALUM DODECABROMIDE'
#
_entity_poly.entity_id   1
_entity_poly.type   'polypeptide(L)'
_entity_poly.pdbx_seq_one_letter_code
;MHHHHHHGKPIPNPLLGLDSTENLYFQGIDPFTMDHLKHLQQLQNIERIVLSGIVLANHKIEEVHSVLEPSDFYYPPNGL
FFEIALKLHEEDCPIDENFIRQKMPKDKQIKEEDLVAIFAASPIDNIEAYVEEIKNASIKRKLFGLANTIREQALESAQK
SSDILGAVEREVYALLNGSTIEGFRNIKEVLESAMDLITENQRKGSLEVTGIPTGFVQLDNYTSGFNKGSLVIIGARPSM
GKTSLMMNMVLSALNDDRGVAVFSLEMSAEQLALRALSDLTSINMHDLESGRLDDDQWENLAKCFDHLSQKKLFFYDKSY
VRIEQIRLQLRKLKSQHKELGIAFIDYLQLMSGSKATKERHEQIAEISRELKTLARELEIPIIALVQLNRSLENRDDKRP
ILSDIKDSGGIEQDADIVLFLYRGYIYQMRAEDNKIDKLKKEGKIEEAQELYLKVNEERRIHKQNGSIEEAEIIVAKNRN
GATGTVYTRFNAPFTRYEDMPIDSHLEEGQETKVDYDIVTT
;
_entity_poly.pdbx_strand_id   A,B,C,D
#
loop_
_chem_comp.id
_chem_comp.type
_chem_comp.name
_chem_comp.formula
TBR non-polymer 'HEXATANTALUM DODECABROMIDE' 'Br12 Ta6'
#
# COMPACT_ATOMS: atom_id res chain seq x y z
N MET A 34 -21.59 18.71 16.31
CA MET A 34 -20.18 19.06 16.15
C MET A 34 -19.26 17.88 16.47
N ASP A 35 -19.74 16.68 16.20
CA ASP A 35 -19.02 15.46 16.55
C ASP A 35 -17.79 15.32 15.65
N HIS A 36 -17.94 15.80 14.42
CA HIS A 36 -16.87 15.77 13.44
C HIS A 36 -15.62 16.47 13.96
N LEU A 37 -15.77 17.72 14.41
CA LEU A 37 -14.62 18.45 14.92
C LEU A 37 -14.13 17.89 16.25
N LYS A 38 -15.00 17.14 16.94
CA LYS A 38 -14.58 16.46 18.15
C LYS A 38 -13.55 15.40 17.76
N HIS A 39 -13.89 14.66 16.71
CA HIS A 39 -12.99 13.67 16.15
C HIS A 39 -11.72 14.37 15.67
N LEU A 40 -11.86 15.57 15.13
CA LEU A 40 -10.72 16.34 14.64
C LEU A 40 -9.72 16.69 15.76
N GLN A 41 -10.26 17.27 16.82
CA GLN A 41 -9.46 17.67 17.96
C GLN A 41 -8.82 16.46 18.61
N GLN A 42 -9.51 15.33 18.56
CA GLN A 42 -8.89 14.11 19.07
C GLN A 42 -7.78 13.59 18.16
N LEU A 43 -8.00 13.67 16.84
CA LEU A 43 -7.05 13.12 15.89
C LEU A 43 -5.74 13.91 15.93
N GLN A 44 -5.84 15.23 16.15
CA GLN A 44 -4.63 16.03 16.24
C GLN A 44 -3.78 15.48 17.38
N ASN A 45 -4.45 15.27 18.51
CA ASN A 45 -3.81 14.74 19.71
C ASN A 45 -3.16 13.40 19.45
N ILE A 46 -3.90 12.49 18.79
CA ILE A 46 -3.38 11.16 18.50
C ILE A 46 -2.13 11.21 17.62
N GLU A 47 -2.19 12.01 16.56
CA GLU A 47 -1.04 12.17 15.67
C GLU A 47 0.17 12.61 16.49
N ARG A 48 -0.03 13.65 17.30
CA ARG A 48 1.05 14.17 18.15
C ARG A 48 1.62 13.07 19.04
N ILE A 49 0.72 12.31 19.67
CA ILE A 49 1.10 11.23 20.58
C ILE A 49 2.03 10.27 19.87
N VAL A 50 1.58 9.78 18.71
CA VAL A 50 2.34 8.82 17.94
C VAL A 50 3.74 9.37 17.66
N LEU A 51 3.77 10.62 17.24
CA LEU A 51 5.03 11.26 16.89
C LEU A 51 6.00 11.29 18.09
N SER A 52 5.46 11.62 19.26
CA SER A 52 6.25 11.71 20.48
C SER A 52 6.78 10.34 20.89
N GLY A 53 5.92 9.33 20.73
CA GLY A 53 6.27 7.96 21.07
C GLY A 53 7.42 7.50 20.20
N ILE A 54 7.40 7.93 18.94
CA ILE A 54 8.50 7.60 18.03
C ILE A 54 9.74 8.40 18.43
N VAL A 55 9.55 9.61 18.95
CA VAL A 55 10.68 10.39 19.45
C VAL A 55 11.43 9.59 20.51
N LEU A 56 10.69 9.10 21.51
CA LEU A 56 11.32 8.30 22.56
C LEU A 56 11.76 6.93 22.04
N ALA A 57 10.92 6.28 21.23
CA ALA A 57 11.27 4.99 20.66
C ALA A 57 11.50 5.15 19.16
N ASN A 58 12.77 5.31 18.81
CA ASN A 58 13.18 5.56 17.43
C ASN A 58 12.80 4.43 16.47
N HIS A 59 12.89 3.20 16.96
CA HIS A 59 12.69 2.00 16.15
C HIS A 59 11.26 1.79 15.63
N LYS A 60 10.28 2.35 16.32
CA LYS A 60 8.86 2.16 15.99
C LYS A 60 8.47 2.76 14.63
N ILE A 61 9.33 3.63 14.13
CA ILE A 61 9.09 4.31 12.86
C ILE A 61 8.81 3.31 11.73
N GLU A 62 9.45 2.14 11.80
CA GLU A 62 9.28 1.14 10.77
C GLU A 62 7.84 0.65 10.70
N GLU A 63 7.29 0.25 11.85
CA GLU A 63 5.93 -0.26 11.88
C GLU A 63 4.96 0.88 11.59
N VAL A 64 5.36 2.12 11.86
CA VAL A 64 4.50 3.24 11.50
C VAL A 64 4.43 3.44 9.98
N HIS A 65 5.58 3.60 9.34
CA HIS A 65 5.66 3.77 7.89
C HIS A 65 5.03 2.61 7.14
N SER A 66 5.15 1.40 7.71
CA SER A 66 4.58 0.21 7.10
C SER A 66 3.07 0.37 6.90
N VAL A 67 2.48 1.22 7.73
CA VAL A 67 1.06 1.52 7.65
C VAL A 67 0.82 2.92 7.10
N LEU A 68 1.34 3.92 7.81
CA LEU A 68 1.02 5.31 7.48
C LEU A 68 2.05 6.00 6.57
N GLU A 69 1.56 6.99 5.85
CA GLU A 69 2.36 7.80 4.92
C GLU A 69 2.20 9.26 5.31
N PRO A 70 3.11 10.15 4.85
CA PRO A 70 3.01 11.56 5.26
C PRO A 70 1.70 12.20 4.84
N SER A 71 1.16 11.78 3.70
CA SER A 71 -0.09 12.33 3.20
C SER A 71 -1.28 11.83 4.01
N ASP A 72 -1.08 10.74 4.74
CA ASP A 72 -2.15 10.12 5.52
C ASP A 72 -2.55 11.00 6.69
N PHE A 73 -1.72 11.98 6.99
CA PHE A 73 -1.94 12.83 8.14
C PHE A 73 -2.90 13.97 7.80
N TYR A 74 -3.79 14.27 8.73
CA TYR A 74 -4.70 15.39 8.55
C TYR A 74 -3.94 16.70 8.71
N TYR A 75 -3.35 16.89 9.89
CA TYR A 75 -2.65 18.13 10.18
C TYR A 75 -1.32 18.12 9.46
N PRO A 76 -1.14 19.04 8.50
CA PRO A 76 0.03 19.10 7.61
C PRO A 76 1.39 19.09 8.35
N PRO A 77 1.55 19.90 9.43
CA PRO A 77 2.86 19.82 10.11
C PRO A 77 3.19 18.42 10.62
N ASN A 78 2.17 17.65 10.99
CA ASN A 78 2.38 16.30 11.49
C ASN A 78 2.94 15.41 10.38
N GLY A 79 2.36 15.55 9.18
CA GLY A 79 2.78 14.79 8.02
C GLY A 79 4.21 15.14 7.67
N LEU A 80 4.50 16.43 7.70
CA LEU A 80 5.82 16.94 7.37
C LEU A 80 6.85 16.36 8.35
N PHE A 81 6.47 16.40 9.63
CA PHE A 81 7.25 15.87 10.73
C PHE A 81 7.60 14.41 10.49
N PHE A 82 6.56 13.67 10.13
CA PHE A 82 6.65 12.25 9.83
C PHE A 82 7.66 11.99 8.72
N GLU A 83 7.57 12.82 7.68
CA GLU A 83 8.46 12.72 6.52
C GLU A 83 9.91 12.87 6.95
N ILE A 84 10.15 13.91 7.76
CA ILE A 84 11.49 14.20 8.23
C ILE A 84 12.01 13.02 9.05
N ALA A 85 11.15 12.50 9.91
CA ALA A 85 11.49 11.35 10.76
C ALA A 85 11.96 10.19 9.90
N LEU A 86 11.25 9.96 8.80
CA LEU A 86 11.61 8.88 7.89
C LEU A 86 12.99 9.13 7.31
N LYS A 87 13.22 10.35 6.84
CA LYS A 87 14.50 10.71 6.23
C LYS A 87 15.65 10.53 7.21
N LEU A 88 15.40 10.77 8.49
CA LEU A 88 16.42 10.57 9.51
C LEU A 88 16.67 9.09 9.77
N HIS A 89 15.60 8.30 9.80
CA HIS A 89 15.77 6.87 10.07
C HIS A 89 16.54 6.19 8.95
N GLU A 90 16.31 6.63 7.71
CA GLU A 90 16.94 5.99 6.57
C GLU A 90 18.46 6.17 6.55
N GLU A 91 18.92 7.29 7.12
CA GLU A 91 20.34 7.54 7.25
C GLU A 91 20.79 7.13 8.65
N ASP A 92 19.95 6.34 9.32
CA ASP A 92 20.23 5.79 10.63
C ASP A 92 20.66 6.86 11.63
N CYS A 93 19.84 7.91 11.74
CA CYS A 93 20.11 8.98 12.69
C CYS A 93 18.98 9.08 13.69
N PRO A 94 19.34 9.17 14.98
CA PRO A 94 18.37 9.18 16.08
C PRO A 94 17.43 10.38 15.99
N ILE A 95 16.29 10.30 16.67
CA ILE A 95 15.25 11.31 16.53
C ILE A 95 15.01 12.10 17.82
N ASP A 96 15.23 13.41 17.74
CA ASP A 96 14.99 14.33 18.86
C ASP A 96 14.79 15.76 18.37
N GLU A 97 14.48 16.66 19.29
CA GLU A 97 14.19 18.08 18.99
C GLU A 97 15.16 18.70 17.99
N ASN A 98 16.44 18.40 18.18
CA ASN A 98 17.53 18.96 17.38
C ASN A 98 17.55 18.47 15.93
N PHE A 99 17.45 17.16 15.77
CA PHE A 99 17.58 16.50 14.46
C PHE A 99 16.57 17.05 13.47
N ILE A 100 15.42 17.46 14.00
CA ILE A 100 14.33 17.95 13.17
C ILE A 100 14.59 19.40 12.80
N ARG A 101 14.98 20.18 13.81
CA ARG A 101 15.20 21.62 13.62
C ARG A 101 16.28 21.90 12.61
N GLN A 102 17.40 21.18 12.66
CA GLN A 102 18.43 21.47 11.66
C GLN A 102 18.00 20.93 10.30
N LYS A 103 17.53 19.69 10.29
CA LYS A 103 17.19 19.04 9.03
C LYS A 103 15.80 19.43 8.55
N MET A 104 15.47 20.71 8.70
CA MET A 104 14.24 21.27 8.16
C MET A 104 14.36 21.22 6.64
N PRO A 105 13.26 20.88 5.95
CA PRO A 105 13.31 20.76 4.48
C PRO A 105 13.73 22.07 3.83
N LYS A 106 13.66 23.16 4.60
CA LYS A 106 14.04 24.50 4.19
C LYS A 106 13.19 24.96 3.02
N ASP A 107 12.10 24.24 2.79
CA ASP A 107 11.07 24.65 1.87
C ASP A 107 9.95 25.19 2.75
N LYS A 108 9.66 24.43 3.81
CA LYS A 108 8.72 24.87 4.83
C LYS A 108 9.23 24.57 6.22
N GLN A 109 8.94 25.47 7.14
CA GLN A 109 9.33 25.34 8.53
C GLN A 109 8.06 25.17 9.34
N ILE A 110 7.99 24.09 10.11
CA ILE A 110 6.80 23.83 10.91
C ILE A 110 6.69 24.86 12.03
N LYS A 111 5.51 25.45 12.17
CA LYS A 111 5.28 26.43 13.21
C LYS A 111 5.61 25.84 14.58
N GLU A 112 6.25 26.66 15.41
CA GLU A 112 6.76 26.23 16.71
C GLU A 112 5.67 25.65 17.61
N GLU A 113 4.47 26.23 17.54
CA GLU A 113 3.35 25.86 18.42
C GLU A 113 3.00 24.37 18.37
N ASP A 114 3.01 23.82 17.17
CA ASP A 114 2.66 22.42 16.99
C ASP A 114 3.89 21.61 17.35
N LEU A 115 5.03 22.08 16.83
CA LEU A 115 6.32 21.42 16.97
C LEU A 115 6.59 21.04 18.41
N VAL A 116 6.54 22.02 19.30
CA VAL A 116 6.80 21.78 20.72
C VAL A 116 5.72 20.89 21.32
N ALA A 117 4.47 21.19 20.96
CA ALA A 117 3.30 20.47 21.49
C ALA A 117 3.46 18.97 21.27
N ILE A 118 4.16 18.60 20.20
CA ILE A 118 4.44 17.20 19.91
C ILE A 118 5.27 16.59 21.03
N PHE A 119 6.34 17.27 21.42
CA PHE A 119 7.23 16.80 22.46
C PHE A 119 6.50 16.80 23.80
N ALA A 120 5.63 17.79 23.97
CA ALA A 120 4.88 17.97 25.21
C ALA A 120 3.87 16.84 25.42
N ALA A 121 3.52 16.16 24.33
CA ALA A 121 2.53 15.10 24.37
C ALA A 121 2.97 13.97 25.29
N SER A 122 2.04 13.44 26.08
CA SER A 122 2.32 12.32 26.96
C SER A 122 2.51 11.03 26.17
N PRO A 123 3.67 10.39 26.35
CA PRO A 123 3.98 9.15 25.63
C PRO A 123 3.19 7.95 26.16
N ILE A 124 2.57 7.20 25.25
CA ILE A 124 1.78 6.02 25.61
C ILE A 124 2.26 4.87 24.73
N ASP A 125 2.43 3.69 25.32
CA ASP A 125 2.97 2.56 24.57
C ASP A 125 1.91 1.78 23.79
N ASN A 126 2.40 0.90 22.90
CA ASN A 126 1.55 0.07 22.05
C ASN A 126 0.51 0.90 21.29
N ILE A 127 0.96 1.94 20.62
CA ILE A 127 0.07 2.87 19.92
C ILE A 127 -0.45 2.31 18.61
N GLU A 128 -0.16 1.04 18.37
CA GLU A 128 -0.55 0.35 17.14
C GLU A 128 -2.04 0.55 16.88
N ALA A 129 -2.84 0.53 17.95
CA ALA A 129 -4.26 0.79 17.82
C ALA A 129 -4.49 2.24 17.44
N TYR A 130 -3.67 3.14 17.97
CA TYR A 130 -3.80 4.57 17.67
C TYR A 130 -3.41 4.81 16.21
N VAL A 131 -2.37 4.11 15.78
CA VAL A 131 -1.89 4.19 14.42
C VAL A 131 -3.03 3.75 13.51
N GLU A 132 -3.62 2.61 13.86
CA GLU A 132 -4.77 2.06 13.15
C GLU A 132 -5.89 3.09 13.05
N GLU A 133 -6.15 3.79 14.15
CA GLU A 133 -7.19 4.81 14.21
C GLU A 133 -6.93 6.00 13.28
N ILE A 134 -5.66 6.43 13.21
CA ILE A 134 -5.29 7.54 12.34
C ILE A 134 -5.40 7.10 10.89
N LYS A 135 -5.04 5.85 10.64
CA LYS A 135 -5.20 5.27 9.32
C LYS A 135 -6.67 5.25 8.94
N ASN A 136 -7.50 4.96 9.93
CA ASN A 136 -8.95 4.98 9.76
C ASN A 136 -9.40 6.36 9.30
N ALA A 137 -8.88 7.37 9.97
CA ALA A 137 -9.25 8.75 9.67
C ALA A 137 -8.82 9.14 8.26
N SER A 138 -7.61 8.73 7.87
CA SER A 138 -7.09 9.03 6.54
C SER A 138 -7.95 8.36 5.47
N ILE A 139 -8.29 7.10 5.74
CA ILE A 139 -9.14 6.31 4.86
C ILE A 139 -10.43 7.08 4.61
N LYS A 140 -11.05 7.52 5.69
CA LYS A 140 -12.27 8.31 5.60
C LYS A 140 -12.05 9.56 4.74
N ARG A 141 -10.90 10.20 4.96
CA ARG A 141 -10.58 11.45 4.29
C ARG A 141 -10.56 11.25 2.78
N LYS A 142 -9.88 10.20 2.32
CA LYS A 142 -9.83 9.88 0.90
C LYS A 142 -11.21 9.50 0.37
N LEU A 143 -11.95 8.79 1.21
CA LEU A 143 -13.28 8.32 0.85
C LEU A 143 -14.18 9.49 0.48
N PHE A 144 -14.23 10.51 1.33
CA PHE A 144 -15.14 11.63 1.14
C PHE A 144 -14.86 12.31 -0.20
N GLY A 145 -13.58 12.37 -0.57
CA GLY A 145 -13.16 13.00 -1.81
C GLY A 145 -13.71 12.18 -2.94
N LEU A 146 -13.57 10.87 -2.82
CA LEU A 146 -14.04 9.95 -3.85
C LEU A 146 -15.55 10.11 -4.05
N ALA A 147 -16.25 10.19 -2.91
CA ALA A 147 -17.70 10.35 -2.86
C ALA A 147 -18.12 11.61 -3.60
N ASN A 148 -17.39 12.69 -3.36
CA ASN A 148 -17.72 13.95 -4.01
C ASN A 148 -17.50 13.79 -5.52
N THR A 149 -16.39 13.16 -5.89
CA THR A 149 -16.01 13.02 -7.29
C THR A 149 -17.15 12.34 -8.04
N ILE A 150 -17.53 11.17 -7.54
CA ILE A 150 -18.57 10.38 -8.18
C ILE A 150 -19.90 11.15 -8.17
N ARG A 151 -20.16 11.90 -7.10
CA ARG A 151 -21.40 12.68 -7.00
C ARG A 151 -21.53 13.66 -8.15
N GLU A 152 -20.48 14.44 -8.38
CA GLU A 152 -20.46 15.43 -9.45
C GLU A 152 -20.47 14.77 -10.82
N GLN A 153 -19.90 13.58 -10.91
CA GLN A 153 -19.85 12.84 -12.17
C GLN A 153 -21.23 12.63 -12.80
N ALA A 154 -22.25 12.48 -11.95
CA ALA A 154 -23.59 12.16 -12.44
C ALA A 154 -24.21 13.31 -13.24
N LEU A 155 -23.71 14.53 -13.02
CA LEU A 155 -24.22 15.72 -13.69
C LEU A 155 -24.12 15.59 -15.20
N GLU A 156 -23.10 14.88 -15.67
CA GLU A 156 -22.81 14.74 -17.09
C GLU A 156 -23.96 14.05 -17.82
N SER A 157 -24.48 12.98 -17.22
CA SER A 157 -25.50 12.15 -17.84
C SER A 157 -25.08 11.65 -19.22
N LYS A 160 -22.91 9.49 -19.75
CA LYS A 160 -22.26 8.20 -19.91
C LYS A 160 -22.26 7.41 -18.61
N SER A 161 -23.29 6.60 -18.41
CA SER A 161 -23.41 5.80 -17.19
C SER A 161 -22.44 4.62 -17.19
N SER A 162 -22.11 4.10 -18.37
CA SER A 162 -21.12 3.02 -18.47
C SER A 162 -19.78 3.49 -17.93
N ASP A 163 -19.43 4.73 -18.28
CA ASP A 163 -18.21 5.36 -17.80
C ASP A 163 -18.24 5.44 -16.28
N ILE A 164 -19.41 5.81 -15.76
CA ILE A 164 -19.62 5.89 -14.32
C ILE A 164 -19.42 4.52 -13.66
N LEU A 165 -19.89 3.48 -14.32
CA LEU A 165 -19.72 2.11 -13.84
C LEU A 165 -18.23 1.80 -13.74
N GLY A 166 -17.51 2.10 -14.81
CA GLY A 166 -16.06 1.87 -14.83
C GLY A 166 -15.39 2.66 -13.72
N ALA A 167 -15.91 3.85 -13.43
CA ALA A 167 -15.37 4.70 -12.39
C ALA A 167 -15.57 4.05 -11.03
N VAL A 168 -16.74 3.42 -10.87
CA VAL A 168 -17.05 2.71 -9.65
C VAL A 168 -16.07 1.56 -9.47
N GLU A 169 -15.80 0.85 -10.57
CA GLU A 169 -14.91 -0.30 -10.53
C GLU A 169 -13.47 0.10 -10.17
N ARG A 170 -13.01 1.19 -10.77
CA ARG A 170 -11.65 1.66 -10.56
C ARG A 170 -11.48 2.22 -9.14
N GLU A 171 -12.48 2.94 -8.68
CA GLU A 171 -12.45 3.50 -7.33
C GLU A 171 -12.48 2.35 -6.32
N VAL A 172 -13.23 1.31 -6.66
CA VAL A 172 -13.35 0.12 -5.83
C VAL A 172 -11.99 -0.55 -5.72
N TYR A 173 -11.32 -0.70 -6.85
CA TYR A 173 -9.99 -1.29 -6.88
C TYR A 173 -9.02 -0.44 -6.06
N ALA A 174 -9.21 0.87 -6.11
CA ALA A 174 -8.35 1.79 -5.38
C ALA A 174 -8.50 1.57 -3.88
N LEU A 175 -9.74 1.47 -3.43
CA LEU A 175 -10.01 1.26 -2.02
C LEU A 175 -9.53 -0.11 -1.56
N LEU A 176 -9.77 -1.11 -2.40
CA LEU A 176 -9.41 -2.49 -2.10
C LEU A 176 -7.89 -2.64 -1.94
N ASN A 177 -7.16 -2.03 -2.88
CA ASN A 177 -5.70 -2.06 -2.83
C ASN A 177 -5.20 -1.24 -1.65
N GLY A 178 -5.90 -0.15 -1.35
CA GLY A 178 -5.50 0.71 -0.24
C GLY A 178 -5.62 -0.04 1.08
N SER A 179 -6.69 -0.84 1.19
CA SER A 179 -6.98 -1.56 2.42
C SER A 179 -5.99 -2.71 2.61
N THR A 180 -5.78 -3.46 1.54
CA THR A 180 -4.90 -4.62 1.57
C THR A 180 -3.62 -4.35 0.77
N ASN A 186 11.02 -13.62 9.84
CA ASN A 186 11.30 -13.98 11.22
C ASN A 186 10.64 -15.31 11.59
N ILE A 187 11.24 -15.99 12.57
CA ILE A 187 10.80 -17.34 12.95
C ILE A 187 9.36 -17.42 13.48
N LYS A 188 9.01 -16.56 14.44
CA LYS A 188 7.70 -16.61 15.10
C LYS A 188 6.56 -16.42 14.09
N GLU A 189 6.85 -15.69 13.02
CA GLU A 189 5.86 -15.43 11.98
C GLU A 189 5.55 -16.72 11.23
N VAL A 190 6.61 -17.44 10.84
CA VAL A 190 6.46 -18.68 10.08
C VAL A 190 5.91 -19.82 10.93
N LEU A 191 6.18 -19.76 12.23
CA LEU A 191 5.69 -20.80 13.15
C LEU A 191 4.16 -20.90 13.11
N GLU A 192 3.52 -19.73 13.08
CA GLU A 192 2.07 -19.67 13.12
C GLU A 192 1.44 -20.29 11.88
N SER A 193 2.04 -20.02 10.72
CA SER A 193 1.57 -20.58 9.46
C SER A 193 1.83 -22.09 9.47
N ALA A 194 2.94 -22.48 10.09
CA ALA A 194 3.30 -23.89 10.19
C ALA A 194 2.26 -24.62 11.02
N MET A 195 1.63 -23.91 11.95
CA MET A 195 0.54 -24.48 12.74
C MET A 195 -0.76 -24.51 11.94
N ASP A 196 -0.99 -23.43 11.20
CA ASP A 196 -2.22 -23.26 10.42
C ASP A 196 -2.28 -24.23 9.24
N LEU A 197 -1.14 -24.80 8.87
CA LEU A 197 -1.08 -25.75 7.77
C LEU A 197 -1.44 -27.17 8.22
N ILE A 198 -0.90 -27.58 9.36
CA ILE A 198 -1.14 -28.90 9.90
C ILE A 198 -2.53 -28.98 10.51
N THR A 199 -3.01 -27.84 11.00
CA THR A 199 -4.35 -27.79 11.57
C THR A 199 -5.37 -27.98 10.45
N GLU A 200 -4.97 -27.58 9.25
CA GLU A 200 -5.81 -27.71 8.07
C GLU A 200 -5.95 -29.17 7.63
N ASN A 201 -4.86 -29.92 7.73
CA ASN A 201 -4.86 -31.33 7.37
C ASN A 201 -5.56 -32.16 8.44
N GLN A 202 -5.47 -31.70 9.68
CA GLN A 202 -6.20 -32.34 10.77
C GLN A 202 -7.69 -32.03 10.65
N ARG A 203 -7.99 -30.84 10.11
CA ARG A 203 -9.36 -30.42 9.90
C ARG A 203 -10.05 -31.29 8.87
N THR A 210 -7.67 -33.74 0.00
CA THR A 210 -7.09 -32.58 0.66
C THR A 210 -7.54 -31.29 -0.03
N GLY A 211 -7.65 -31.34 -1.36
CA GLY A 211 -8.09 -30.18 -2.12
C GLY A 211 -9.24 -30.57 -3.04
N ILE A 212 -9.27 -29.98 -4.23
CA ILE A 212 -10.32 -30.28 -5.19
C ILE A 212 -9.88 -31.43 -6.10
N PRO A 213 -10.75 -32.42 -6.28
CA PRO A 213 -10.39 -33.63 -7.04
C PRO A 213 -10.18 -33.34 -8.53
N THR A 214 -9.12 -33.90 -9.10
CA THR A 214 -8.77 -33.69 -10.50
C THR A 214 -9.70 -34.48 -11.41
N GLY A 215 -9.89 -35.75 -11.09
CA GLY A 215 -10.69 -36.64 -11.92
C GLY A 215 -9.86 -37.86 -12.24
N PHE A 216 -8.55 -37.67 -12.27
CA PHE A 216 -7.61 -38.76 -12.51
C PHE A 216 -6.84 -39.09 -11.23
N VAL A 217 -6.99 -40.32 -10.76
CA VAL A 217 -6.31 -40.76 -9.56
C VAL A 217 -4.80 -40.82 -9.80
N GLN A 218 -4.40 -41.11 -11.04
CA GLN A 218 -2.98 -41.16 -11.39
C GLN A 218 -2.36 -39.81 -11.12
N LEU A 219 -3.05 -38.78 -11.60
CA LEU A 219 -2.56 -37.41 -11.49
C LEU A 219 -2.69 -36.94 -10.05
N ASP A 220 -3.76 -37.36 -9.38
CA ASP A 220 -4.00 -36.97 -8.00
C ASP A 220 -2.97 -37.59 -7.06
N ASN A 221 -2.24 -38.58 -7.55
CA ASN A 221 -1.15 -39.17 -6.77
C ASN A 221 0.01 -38.18 -6.66
N TYR A 222 0.16 -37.35 -7.68
CA TYR A 222 1.24 -36.35 -7.72
C TYR A 222 0.74 -34.99 -7.22
N THR A 223 -0.36 -34.54 -7.80
CA THR A 223 -0.91 -33.22 -7.53
C THR A 223 -1.44 -33.11 -6.11
N SER A 224 -1.91 -34.24 -5.57
CA SER A 224 -2.56 -34.30 -4.27
C SER A 224 -3.78 -33.38 -4.23
N GLY A 225 -4.51 -33.33 -5.33
CA GLY A 225 -5.68 -32.49 -5.44
C GLY A 225 -5.34 -31.03 -5.63
N PHE A 226 -6.33 -30.23 -5.99
CA PHE A 226 -6.13 -28.80 -6.23
C PHE A 226 -6.17 -27.99 -4.94
N ASN A 227 -4.98 -27.67 -4.43
CA ASN A 227 -4.87 -26.89 -3.21
C ASN A 227 -5.20 -25.41 -3.45
N LYS A 228 -5.79 -24.77 -2.45
CA LYS A 228 -6.30 -23.42 -2.60
C LYS A 228 -5.21 -22.37 -2.81
N GLY A 229 -5.46 -21.46 -3.77
CA GLY A 229 -4.56 -20.36 -4.03
C GLY A 229 -3.33 -20.78 -4.80
N SER A 230 -3.36 -21.99 -5.34
CA SER A 230 -2.22 -22.53 -6.05
C SER A 230 -2.40 -22.36 -7.55
N LEU A 231 -1.39 -21.77 -8.20
CA LEU A 231 -1.47 -21.51 -9.63
C LEU A 231 -0.97 -22.72 -10.43
N VAL A 232 -1.84 -23.25 -11.27
CA VAL A 232 -1.52 -24.44 -12.06
C VAL A 232 -1.67 -24.13 -13.55
N ILE A 233 -0.71 -24.58 -14.35
CA ILE A 233 -0.71 -24.26 -15.79
C ILE A 233 -0.59 -25.51 -16.66
N ILE A 234 -1.31 -25.51 -17.78
CA ILE A 234 -1.28 -26.59 -18.76
C ILE A 234 -0.86 -26.10 -20.15
N GLY A 235 0.27 -26.59 -20.64
CA GLY A 235 0.72 -26.29 -22.00
C GLY A 235 0.47 -27.47 -22.91
N ALA A 236 -0.43 -27.31 -23.87
CA ALA A 236 -0.77 -28.40 -24.78
C ALA A 236 -0.81 -27.95 -26.24
N ARG A 237 -0.44 -28.85 -27.14
CA ARG A 237 -0.51 -28.60 -28.57
C ARG A 237 -1.96 -28.66 -29.05
N PRO A 238 -2.29 -27.90 -30.11
CA PRO A 238 -3.65 -27.83 -30.63
C PRO A 238 -4.17 -29.17 -31.17
N SER A 239 -5.49 -29.33 -31.19
CA SER A 239 -6.17 -30.52 -31.74
C SER A 239 -5.87 -31.80 -30.98
N MET A 240 -5.09 -31.70 -29.91
CA MET A 240 -4.78 -32.86 -29.07
C MET A 240 -5.97 -33.26 -28.19
N GLY A 241 -6.97 -32.38 -28.15
CA GLY A 241 -8.15 -32.62 -27.33
C GLY A 241 -8.05 -31.85 -26.03
N LYS A 242 -7.41 -30.69 -26.11
CA LYS A 242 -7.20 -29.82 -24.95
C LYS A 242 -8.54 -29.32 -24.42
N THR A 243 -9.34 -28.77 -25.32
CA THR A 243 -10.62 -28.17 -25.02
C THR A 243 -11.53 -29.24 -24.45
N SER A 244 -11.38 -30.45 -24.98
CA SER A 244 -12.16 -31.59 -24.53
C SER A 244 -11.70 -32.04 -23.14
N LEU A 245 -10.38 -32.09 -22.94
CA LEU A 245 -9.81 -32.56 -21.69
C LEU A 245 -10.16 -31.68 -20.49
N MET A 246 -10.15 -30.37 -20.67
CA MET A 246 -10.43 -29.44 -19.57
C MET A 246 -11.80 -29.71 -18.92
N MET A 247 -12.78 -29.97 -19.76
CA MET A 247 -14.17 -30.12 -19.33
C MET A 247 -14.37 -31.29 -18.36
N ASN A 248 -13.56 -32.32 -18.50
CA ASN A 248 -13.67 -33.49 -17.64
C ASN A 248 -13.31 -33.11 -16.20
N MET A 249 -12.26 -32.31 -16.08
CA MET A 249 -11.79 -31.83 -14.80
C MET A 249 -12.77 -30.79 -14.26
N VAL A 250 -13.45 -30.10 -15.16
CA VAL A 250 -14.51 -29.18 -14.76
C VAL A 250 -15.61 -29.99 -14.07
N LEU A 251 -15.98 -31.10 -14.70
CA LEU A 251 -16.99 -32.00 -14.17
C LEU A 251 -16.55 -32.58 -12.82
N SER A 252 -15.24 -32.82 -12.68
CA SER A 252 -14.70 -33.38 -11.45
C SER A 252 -14.93 -32.44 -10.26
N ALA A 253 -14.88 -31.14 -10.55
CA ALA A 253 -15.12 -30.12 -9.53
C ALA A 253 -16.62 -29.88 -9.33
N LEU A 254 -17.38 -30.01 -10.41
CA LEU A 254 -18.83 -29.83 -10.33
C LEU A 254 -19.46 -30.94 -9.47
N ASN A 255 -18.90 -32.14 -9.59
CA ASN A 255 -19.33 -33.27 -8.78
C ASN A 255 -18.85 -33.12 -7.34
N ASP A 256 -17.93 -32.18 -7.13
CA ASP A 256 -17.49 -31.83 -5.79
C ASP A 256 -18.28 -30.62 -5.31
N ASP A 257 -19.30 -30.25 -6.08
CA ASP A 257 -20.22 -29.17 -5.77
C ASP A 257 -19.50 -27.87 -5.41
N ARG A 258 -18.42 -27.59 -6.13
CA ARG A 258 -17.69 -26.35 -5.94
C ARG A 258 -17.86 -25.48 -7.18
N GLY A 259 -18.26 -24.23 -6.96
CA GLY A 259 -18.52 -23.32 -8.05
C GLY A 259 -17.32 -23.10 -8.94
N VAL A 260 -17.51 -23.31 -10.24
CA VAL A 260 -16.43 -23.15 -11.19
C VAL A 260 -16.73 -22.04 -12.19
N ALA A 261 -15.79 -21.11 -12.33
CA ALA A 261 -15.91 -20.02 -13.29
C ALA A 261 -15.10 -20.30 -14.55
N VAL A 262 -15.75 -20.21 -15.70
CA VAL A 262 -15.10 -20.51 -16.97
C VAL A 262 -14.95 -19.26 -17.84
N PHE A 263 -13.74 -19.08 -18.38
CA PHE A 263 -13.44 -17.94 -19.26
C PHE A 263 -12.92 -18.40 -20.62
N SER A 264 -13.76 -18.27 -21.64
CA SER A 264 -13.36 -18.59 -22.99
C SER A 264 -13.21 -17.34 -23.86
N LEU A 265 -11.98 -17.03 -24.24
CA LEU A 265 -11.72 -15.92 -25.14
C LEU A 265 -11.87 -16.38 -26.59
N GLU A 266 -11.05 -17.37 -26.94
CA GLU A 266 -10.92 -17.84 -28.31
C GLU A 266 -12.16 -18.58 -28.79
N MET A 267 -12.68 -19.46 -27.95
CA MET A 267 -13.83 -20.27 -28.33
C MET A 267 -15.11 -19.78 -27.67
N SER A 268 -16.25 -20.22 -28.20
CA SER A 268 -17.55 -19.83 -27.65
C SER A 268 -17.98 -20.80 -26.55
N ALA A 269 -18.80 -20.31 -25.63
CA ALA A 269 -19.21 -21.10 -24.47
C ALA A 269 -20.02 -22.31 -24.87
N GLU A 270 -20.90 -22.11 -25.86
CA GLU A 270 -21.85 -23.12 -26.29
C GLU A 270 -21.16 -24.42 -26.68
N GLN A 271 -20.10 -24.29 -27.49
CA GLN A 271 -19.35 -25.44 -27.97
C GLN A 271 -18.69 -26.16 -26.81
N LEU A 272 -18.14 -25.37 -25.89
CA LEU A 272 -17.46 -25.87 -24.71
C LEU A 272 -18.42 -26.71 -23.87
N ALA A 273 -19.69 -26.29 -23.84
CA ALA A 273 -20.70 -27.08 -23.16
C ALA A 273 -21.02 -28.34 -23.96
N LEU A 274 -20.97 -28.21 -25.29
CA LEU A 274 -21.32 -29.34 -26.16
C LEU A 274 -20.35 -30.50 -25.96
N ARG A 275 -19.08 -30.19 -25.75
CA ARG A 275 -18.09 -31.23 -25.49
C ARG A 275 -18.39 -31.94 -24.17
N ALA A 276 -18.81 -31.16 -23.17
CA ALA A 276 -19.10 -31.69 -21.86
C ALA A 276 -20.28 -32.65 -21.93
N LEU A 277 -21.29 -32.28 -22.71
CA LEU A 277 -22.42 -33.18 -22.92
C LEU A 277 -22.00 -34.39 -23.75
N SER A 278 -20.99 -34.20 -24.60
CA SER A 278 -20.45 -35.30 -25.40
C SER A 278 -19.78 -36.33 -24.51
N ASP A 279 -19.25 -35.86 -23.38
CA ASP A 279 -18.58 -36.73 -22.43
C ASP A 279 -19.56 -37.32 -21.41
N LEU A 280 -20.64 -36.59 -21.15
CA LEU A 280 -21.67 -37.08 -20.22
C LEU A 280 -22.51 -38.16 -20.87
N THR A 281 -23.08 -37.84 -22.02
CA THR A 281 -23.99 -38.75 -22.71
C THR A 281 -23.23 -39.84 -23.45
N SER A 282 -21.90 -39.70 -23.50
CA SER A 282 -21.03 -40.65 -24.18
C SER A 282 -21.41 -40.78 -25.65
N ILE A 283 -21.69 -39.64 -26.29
CA ILE A 283 -22.06 -39.61 -27.69
C ILE A 283 -20.97 -38.91 -28.49
N ASN A 284 -20.69 -39.41 -29.69
CA ASN A 284 -19.66 -38.83 -30.54
C ASN A 284 -19.97 -37.37 -30.86
N MET A 285 -18.92 -36.58 -31.04
CA MET A 285 -19.05 -35.13 -31.19
C MET A 285 -19.90 -34.74 -32.40
N HIS A 286 -19.65 -35.39 -33.53
CA HIS A 286 -20.29 -35.01 -34.77
C HIS A 286 -21.80 -35.17 -34.71
N ASP A 287 -22.28 -36.26 -34.11
CA ASP A 287 -23.70 -36.53 -33.99
C ASP A 287 -24.41 -35.43 -33.20
N LEU A 288 -23.73 -34.97 -32.15
CA LEU A 288 -24.24 -33.92 -31.28
C LEU A 288 -24.20 -32.56 -31.96
N GLU A 289 -23.24 -32.39 -32.87
CA GLU A 289 -23.03 -31.13 -33.57
C GLU A 289 -23.98 -30.95 -34.75
N SER A 290 -24.25 -32.02 -35.48
CA SER A 290 -25.06 -31.95 -36.69
C SER A 290 -26.53 -31.73 -36.34
N GLY A 291 -27.02 -32.46 -35.35
CA GLY A 291 -28.39 -32.31 -34.92
C GLY A 291 -29.23 -33.57 -34.82
N ARG A 292 -28.99 -34.53 -35.72
CA ARG A 292 -29.80 -35.74 -35.72
C ARG A 292 -29.43 -36.68 -34.58
N LEU A 293 -30.41 -36.99 -33.75
CA LEU A 293 -30.24 -37.92 -32.63
C LEU A 293 -31.46 -38.83 -32.51
N ASP A 294 -31.22 -40.11 -32.23
CA ASP A 294 -32.29 -41.08 -32.13
C ASP A 294 -33.04 -40.96 -30.80
N ASP A 295 -33.93 -41.92 -30.55
CA ASP A 295 -34.78 -41.89 -29.36
C ASP A 295 -33.98 -42.07 -28.07
N ASP A 296 -32.93 -42.88 -28.15
CA ASP A 296 -32.16 -43.26 -26.97
C ASP A 296 -31.08 -42.22 -26.66
N GLN A 297 -30.72 -41.43 -27.67
CA GLN A 297 -29.66 -40.45 -27.49
C GLN A 297 -30.24 -39.11 -27.05
N TRP A 298 -31.38 -38.72 -27.62
CA TRP A 298 -32.03 -37.47 -27.22
C TRP A 298 -32.54 -37.58 -25.78
N GLU A 299 -32.83 -38.81 -25.37
CA GLU A 299 -33.34 -39.10 -24.04
C GLU A 299 -32.27 -38.95 -22.96
N ASN A 300 -31.14 -39.62 -23.16
CA ASN A 300 -30.02 -39.52 -22.23
C ASN A 300 -29.47 -38.11 -22.29
N LEU A 301 -29.60 -37.49 -23.46
CA LEU A 301 -29.19 -36.11 -23.68
C LEU A 301 -29.98 -35.18 -22.78
N ALA A 302 -31.31 -35.29 -22.85
CA ALA A 302 -32.18 -34.46 -22.02
C ALA A 302 -32.02 -34.81 -20.54
N LYS A 303 -31.62 -36.05 -20.27
CA LYS A 303 -31.42 -36.51 -18.90
C LYS A 303 -30.16 -35.88 -18.30
N CYS A 304 -29.16 -35.66 -19.12
CA CYS A 304 -27.93 -35.02 -18.66
C CYS A 304 -28.06 -33.51 -18.75
N PHE A 305 -29.04 -33.05 -19.52
CA PHE A 305 -29.21 -31.64 -19.80
C PHE A 305 -29.51 -30.84 -18.54
N ASP A 306 -30.60 -31.18 -17.86
CA ASP A 306 -31.00 -30.47 -16.66
C ASP A 306 -30.05 -30.80 -15.52
N HIS A 307 -29.48 -32.00 -15.59
CA HIS A 307 -28.50 -32.46 -14.61
C HIS A 307 -27.32 -31.50 -14.54
N LEU A 308 -26.77 -31.18 -15.70
CA LEU A 308 -25.68 -30.22 -15.76
C LEU A 308 -26.20 -28.78 -15.61
N SER A 309 -27.44 -28.56 -16.03
CA SER A 309 -28.05 -27.24 -16.00
C SER A 309 -28.14 -26.70 -14.59
N GLN A 310 -28.35 -27.59 -13.63
CA GLN A 310 -28.47 -27.16 -12.24
C GLN A 310 -27.12 -26.98 -11.52
N LYS A 311 -26.05 -27.50 -12.11
CA LYS A 311 -24.72 -27.40 -11.52
C LYS A 311 -24.19 -25.97 -11.47
N LYS A 312 -23.42 -25.66 -10.43
CA LYS A 312 -22.86 -24.32 -10.27
C LYS A 312 -21.81 -24.04 -11.35
N LEU A 313 -22.26 -23.47 -12.46
CA LEU A 313 -21.38 -23.25 -13.61
C LEU A 313 -21.53 -21.84 -14.19
N PHE A 314 -20.39 -21.20 -14.47
CA PHE A 314 -20.40 -19.82 -14.95
C PHE A 314 -19.51 -19.65 -16.20
N PHE A 315 -19.90 -18.75 -17.11
CA PHE A 315 -19.21 -18.61 -18.39
C PHE A 315 -18.97 -17.18 -18.86
N TYR A 316 -17.89 -16.99 -19.61
CA TYR A 316 -17.51 -15.68 -20.14
C TYR A 316 -16.87 -15.85 -21.53
N ASP A 317 -17.66 -15.68 -22.58
CA ASP A 317 -17.15 -15.92 -23.93
C ASP A 317 -16.69 -14.64 -24.63
N LYS A 318 -16.60 -13.55 -23.88
CA LYS A 318 -16.24 -12.26 -24.47
C LYS A 318 -14.77 -12.24 -24.89
N SER A 319 -14.52 -11.65 -26.06
CA SER A 319 -13.20 -11.64 -26.68
C SER A 319 -12.24 -10.67 -26.01
N TYR A 320 -10.97 -11.07 -25.96
CA TYR A 320 -9.85 -10.20 -25.57
C TYR A 320 -10.08 -9.48 -24.23
N VAL A 321 -10.28 -10.27 -23.18
CA VAL A 321 -10.37 -9.71 -21.84
C VAL A 321 -8.96 -9.43 -21.33
N ARG A 322 -8.79 -8.33 -20.58
CA ARG A 322 -7.50 -8.00 -19.98
C ARG A 322 -7.30 -8.69 -18.64
N ILE A 323 -6.04 -8.86 -18.25
CA ILE A 323 -5.71 -9.52 -16.98
C ILE A 323 -6.37 -8.82 -15.79
N GLU A 324 -6.38 -7.50 -15.82
CA GLU A 324 -6.97 -6.72 -14.74
C GLU A 324 -8.48 -6.89 -14.79
N GLN A 325 -9.02 -6.94 -16.00
CA GLN A 325 -10.45 -7.15 -16.21
C GLN A 325 -10.86 -8.51 -15.66
N ILE A 326 -9.95 -9.48 -15.81
CA ILE A 326 -10.15 -10.81 -15.25
C ILE A 326 -10.21 -10.72 -13.73
N ARG A 327 -9.22 -10.04 -13.15
CA ARG A 327 -9.14 -9.90 -11.70
C ARG A 327 -10.43 -9.29 -11.14
N LEU A 328 -10.90 -8.24 -11.81
CA LEU A 328 -12.10 -7.53 -11.41
C LEU A 328 -13.33 -8.43 -11.50
N GLN A 329 -13.46 -9.13 -12.62
CA GLN A 329 -14.63 -9.97 -12.84
C GLN A 329 -14.69 -11.13 -11.85
N LEU A 330 -13.53 -11.68 -11.52
CA LEU A 330 -13.45 -12.76 -10.52
C LEU A 330 -13.76 -12.23 -9.12
N ARG A 331 -13.36 -10.99 -8.84
CA ARG A 331 -13.70 -10.38 -7.56
C ARG A 331 -15.22 -10.25 -7.48
N LYS A 332 -15.81 -9.85 -8.60
CA LYS A 332 -17.25 -9.64 -8.67
C LYS A 332 -18.00 -10.96 -8.47
N LEU A 333 -17.57 -12.01 -9.15
CA LEU A 333 -18.27 -13.29 -9.07
C LEU A 333 -18.06 -13.97 -7.73
N LYS A 334 -16.85 -13.87 -7.17
CA LYS A 334 -16.60 -14.46 -5.86
C LYS A 334 -17.40 -13.72 -4.79
N SER A 335 -17.59 -12.42 -5.02
CA SER A 335 -18.41 -11.62 -4.11
C SER A 335 -19.87 -12.03 -4.24
N GLN A 336 -20.27 -12.34 -5.47
CA GLN A 336 -21.63 -12.75 -5.76
C GLN A 336 -21.90 -14.17 -5.25
N HIS A 337 -20.91 -15.03 -5.42
CA HIS A 337 -21.06 -16.42 -5.00
C HIS A 337 -19.86 -16.89 -4.17
N LYS A 338 -20.10 -17.14 -2.90
CA LYS A 338 -19.06 -17.60 -1.97
C LYS A 338 -18.59 -19.02 -2.27
N GLU A 339 -19.52 -19.85 -2.74
CA GLU A 339 -19.30 -21.28 -2.87
C GLU A 339 -18.22 -21.64 -3.89
N LEU A 340 -17.94 -20.75 -4.83
CA LEU A 340 -16.99 -21.05 -5.90
C LEU A 340 -15.59 -21.29 -5.36
N GLY A 341 -15.06 -22.47 -5.66
CA GLY A 341 -13.77 -22.90 -5.14
C GLY A 341 -12.68 -23.06 -6.19
N ILE A 342 -13.04 -22.90 -7.46
CA ILE A 342 -12.06 -23.09 -8.53
C ILE A 342 -12.43 -22.31 -9.80
N ALA A 343 -11.42 -22.01 -10.62
CA ALA A 343 -11.61 -21.25 -11.86
C ALA A 343 -10.78 -21.83 -12.99
N PHE A 344 -11.24 -21.68 -14.23
CA PHE A 344 -10.56 -22.23 -15.39
C PHE A 344 -10.51 -21.24 -16.55
N ILE A 345 -9.41 -21.25 -17.30
CA ILE A 345 -9.21 -20.33 -18.42
C ILE A 345 -8.65 -21.01 -19.68
N ASP A 346 -9.24 -20.70 -20.83
CA ASP A 346 -8.79 -21.24 -22.11
C ASP A 346 -8.99 -20.27 -23.27
N TYR A 347 -7.91 -19.74 -23.86
CA TYR A 347 -6.54 -19.92 -23.40
C TYR A 347 -5.72 -18.69 -23.80
N LEU A 348 -4.51 -18.54 -23.27
CA LEU A 348 -3.66 -17.41 -23.64
C LEU A 348 -2.60 -17.78 -24.68
N GLN A 349 -2.38 -16.89 -25.65
CA GLN A 349 -1.34 -17.13 -26.65
C GLN A 349 -0.09 -16.33 -26.28
N LEU A 350 1.09 -16.89 -26.55
CA LEU A 350 2.34 -16.26 -26.17
C LEU A 350 2.92 -15.36 -27.26
N MET A 351 3.23 -14.12 -26.88
CA MET A 351 3.89 -13.18 -27.78
C MET A 351 5.18 -12.66 -27.16
N SER A 352 6.31 -12.93 -27.82
CA SER A 352 7.61 -12.52 -27.31
C SER A 352 8.12 -11.27 -28.03
N GLY A 353 9.09 -10.59 -27.42
CA GLY A 353 9.61 -9.36 -27.96
C GLY A 353 9.54 -8.21 -26.97
N SER A 354 9.01 -7.07 -27.43
CA SER A 354 8.86 -5.89 -26.59
C SER A 354 7.56 -5.15 -26.91
N LYS A 355 7.12 -5.26 -28.15
CA LYS A 355 5.85 -4.67 -28.59
C LYS A 355 4.67 -5.40 -27.96
N ALA A 356 4.98 -6.51 -27.28
CA ALA A 356 3.96 -7.37 -26.70
C ALA A 356 3.53 -6.92 -25.30
N THR A 357 4.03 -5.77 -24.86
CA THR A 357 3.80 -5.30 -23.50
C THR A 357 2.69 -4.25 -23.42
N LYS A 358 2.45 -3.55 -24.51
CA LYS A 358 1.49 -2.45 -24.52
C LYS A 358 0.18 -2.80 -25.21
N GLU A 359 0.26 -3.66 -26.22
CA GLU A 359 -0.93 -4.00 -27.01
C GLU A 359 -1.69 -5.19 -26.44
N ARG A 360 -1.01 -5.98 -25.60
CA ARG A 360 -1.59 -7.18 -25.01
C ARG A 360 -2.15 -8.13 -26.07
N GLN A 363 2.29 -9.13 -20.58
CA GLN A 363 3.17 -10.26 -20.81
C GLN A 363 2.80 -11.37 -19.83
N ILE A 364 2.96 -12.62 -20.22
CA ILE A 364 2.46 -13.70 -19.37
C ILE A 364 3.31 -13.84 -18.11
N ALA A 365 4.55 -13.37 -18.15
CA ALA A 365 5.42 -13.48 -16.98
C ALA A 365 4.84 -12.69 -15.81
N GLU A 366 4.42 -11.46 -16.07
CA GLU A 366 3.79 -10.64 -15.04
C GLU A 366 2.31 -11.00 -14.91
N ILE A 367 1.72 -11.48 -16.00
CA ILE A 367 0.33 -11.92 -15.98
C ILE A 367 0.20 -13.08 -15.02
N SER A 368 1.14 -14.03 -15.09
CA SER A 368 1.15 -15.17 -14.18
C SER A 368 1.32 -14.71 -12.74
N ARG A 369 1.98 -13.56 -12.59
CA ARG A 369 2.26 -12.98 -11.27
C ARG A 369 0.94 -12.43 -10.70
N GLU A 370 0.22 -11.70 -11.54
CA GLU A 370 -1.04 -11.08 -11.16
C GLU A 370 -2.06 -12.18 -10.87
N LEU A 371 -1.89 -13.29 -11.57
CA LEU A 371 -2.77 -14.45 -11.42
C LEU A 371 -2.47 -15.21 -10.14
N LYS A 372 -1.20 -15.30 -9.77
CA LYS A 372 -0.83 -15.91 -8.49
C LYS A 372 -1.38 -15.02 -7.38
N THR A 373 -1.30 -13.71 -7.63
CA THR A 373 -1.79 -12.70 -6.71
C THR A 373 -3.26 -12.96 -6.43
N LEU A 374 -4.04 -13.07 -7.51
CA LEU A 374 -5.48 -13.32 -7.37
C LEU A 374 -5.77 -14.72 -6.83
N ALA A 375 -4.88 -15.66 -7.11
CA ALA A 375 -5.03 -17.04 -6.63
C ALA A 375 -5.02 -17.06 -5.12
N ARG A 376 -4.01 -16.41 -4.54
CA ARG A 376 -3.92 -16.35 -3.08
C ARG A 376 -4.97 -15.40 -2.54
N GLU A 377 -5.39 -14.46 -3.39
CA GLU A 377 -6.35 -13.42 -3.02
C GLU A 377 -7.71 -14.03 -2.70
N LEU A 378 -8.26 -14.79 -3.64
CA LEU A 378 -9.55 -15.43 -3.44
C LEU A 378 -9.37 -16.83 -2.85
N GLU A 379 -8.11 -17.19 -2.56
CA GLU A 379 -7.78 -18.45 -1.92
C GLU A 379 -8.32 -19.66 -2.66
N ILE A 380 -8.30 -19.62 -3.98
CA ILE A 380 -8.74 -20.76 -4.77
C ILE A 380 -7.76 -21.04 -5.92
N PRO A 381 -7.54 -22.33 -6.24
CA PRO A 381 -6.57 -22.70 -7.29
C PRO A 381 -7.08 -22.35 -8.69
N ILE A 382 -6.23 -21.69 -9.47
CA ILE A 382 -6.61 -21.24 -10.81
C ILE A 382 -5.90 -22.06 -11.88
N ILE A 383 -6.65 -22.49 -12.89
CA ILE A 383 -6.12 -23.31 -13.97
C ILE A 383 -6.28 -22.64 -15.33
N ALA A 384 -5.17 -22.45 -16.03
CA ALA A 384 -5.18 -21.82 -17.35
C ALA A 384 -4.57 -22.77 -18.38
N LEU A 385 -5.08 -22.70 -19.60
CA LEU A 385 -4.55 -23.53 -20.69
C LEU A 385 -3.56 -22.73 -21.53
N VAL A 386 -2.48 -23.40 -21.95
CA VAL A 386 -1.44 -22.75 -22.74
C VAL A 386 -1.18 -23.47 -24.06
N GLN A 387 -1.05 -22.70 -25.14
CA GLN A 387 -0.70 -23.24 -26.44
C GLN A 387 0.77 -23.01 -26.74
N LEU A 388 1.56 -24.08 -26.69
CA LEU A 388 3.01 -23.99 -26.85
C LEU A 388 3.45 -23.57 -28.25
N ASN A 389 4.66 -23.04 -28.35
CA ASN A 389 5.24 -22.62 -29.62
C ASN A 389 5.59 -23.81 -30.50
N ARG A 390 5.72 -23.56 -31.81
CA ARG A 390 5.95 -24.61 -32.79
C ARG A 390 7.34 -25.24 -32.75
N SER A 391 8.28 -24.59 -32.08
CA SER A 391 9.65 -25.08 -32.01
C SER A 391 9.75 -26.42 -31.26
N LEU A 392 8.65 -26.82 -30.64
CA LEU A 392 8.58 -28.07 -29.90
C LEU A 392 8.75 -29.25 -30.85
N GLU A 393 8.16 -29.14 -32.04
CA GLU A 393 8.17 -30.22 -33.01
C GLU A 393 9.45 -30.20 -33.86
N ASN A 394 10.18 -29.08 -33.80
CA ASN A 394 11.46 -28.97 -34.47
C ASN A 394 12.49 -29.89 -33.81
N ARG A 395 12.26 -30.17 -32.52
CA ARG A 395 13.15 -31.00 -31.73
C ARG A 395 12.93 -32.47 -32.08
N ASP A 396 13.96 -33.29 -31.94
CA ASP A 396 13.88 -34.71 -32.31
C ASP A 396 12.87 -35.46 -31.45
N ASP A 397 13.02 -35.35 -30.14
CA ASP A 397 12.03 -35.92 -29.23
C ASP A 397 10.90 -34.92 -29.04
N LYS A 398 9.77 -35.20 -29.68
CA LYS A 398 8.65 -34.25 -29.71
C LYS A 398 7.89 -34.23 -28.38
N ARG A 399 8.56 -34.64 -27.32
CA ARG A 399 8.02 -34.54 -25.97
C ARG A 399 8.23 -33.13 -25.43
N PRO A 400 7.16 -32.53 -24.89
CA PRO A 400 7.13 -31.14 -24.41
C PRO A 400 8.00 -30.88 -23.18
N ILE A 401 8.74 -29.77 -23.19
CA ILE A 401 9.58 -29.39 -22.05
C ILE A 401 9.21 -28.02 -21.48
N LEU A 402 9.65 -27.76 -20.25
CA LEU A 402 9.28 -26.57 -19.50
C LEU A 402 9.63 -25.22 -20.14
N SER A 403 10.70 -25.18 -20.92
CA SER A 403 11.20 -23.92 -21.45
C SER A 403 10.55 -23.55 -22.78
N ASP A 404 9.64 -24.41 -23.24
CA ASP A 404 8.97 -24.22 -24.51
C ASP A 404 8.10 -22.96 -24.48
N ILE A 405 7.76 -22.54 -23.26
CA ILE A 405 6.90 -21.39 -23.01
C ILE A 405 7.71 -20.10 -22.90
N LYS A 406 8.14 -19.55 -24.03
CA LYS A 406 8.92 -18.32 -24.00
C LYS A 406 8.04 -17.10 -24.30
N ASP A 407 8.38 -15.98 -23.67
CA ASP A 407 7.55 -14.79 -23.72
C ASP A 407 8.40 -13.53 -23.87
N SER A 408 7.74 -12.41 -24.11
CA SER A 408 8.38 -11.10 -24.05
C SER A 408 8.63 -10.71 -22.60
N GLY A 409 9.86 -10.88 -22.15
CA GLY A 409 10.22 -10.51 -20.79
C GLY A 409 10.46 -11.69 -19.87
N GLY A 410 10.96 -12.80 -20.43
CA GLY A 410 11.26 -13.96 -19.60
C GLY A 410 10.40 -15.17 -19.87
N ILE A 411 10.80 -16.29 -19.29
CA ILE A 411 10.07 -17.55 -19.41
C ILE A 411 9.19 -17.70 -18.17
N GLU A 412 7.98 -18.22 -18.34
CA GLU A 412 7.03 -18.33 -17.24
C GLU A 412 7.54 -19.25 -16.14
N GLN A 413 7.47 -18.77 -14.90
CA GLN A 413 7.98 -19.50 -13.75
C GLN A 413 7.00 -19.55 -12.58
N ASP A 414 6.17 -18.52 -12.46
CA ASP A 414 5.30 -18.34 -11.30
C ASP A 414 4.36 -19.52 -11.03
N ALA A 415 4.15 -20.34 -12.04
CA ALA A 415 3.21 -21.46 -11.93
C ALA A 415 3.71 -22.51 -10.95
N ASP A 416 2.84 -22.94 -10.04
CA ASP A 416 3.20 -23.97 -9.07
C ASP A 416 3.28 -25.33 -9.75
N ILE A 417 2.22 -25.69 -10.48
CA ILE A 417 2.17 -26.97 -11.17
C ILE A 417 1.99 -26.78 -12.68
N VAL A 418 2.85 -27.43 -13.47
CA VAL A 418 2.78 -27.35 -14.92
C VAL A 418 2.59 -28.75 -15.52
N LEU A 419 1.57 -28.91 -16.36
CA LEU A 419 1.24 -30.21 -16.95
C LEU A 419 1.27 -30.21 -18.47
N PHE A 420 1.80 -31.29 -19.05
CA PHE A 420 1.93 -31.44 -20.50
C PHE A 420 1.10 -32.60 -21.06
N LEU A 421 0.49 -32.38 -22.21
CA LEU A 421 -0.25 -33.42 -22.93
C LEU A 421 0.57 -34.00 -24.08
N TYR A 422 0.76 -35.31 -24.09
CA TYR A 422 1.51 -35.94 -25.19
C TYR A 422 0.80 -37.17 -25.74
N ARG A 423 0.53 -37.17 -27.04
CA ARG A 423 -0.05 -38.33 -27.71
C ARG A 423 1.03 -39.02 -28.53
N GLY A 424 1.40 -40.23 -28.10
CA GLY A 424 2.50 -40.96 -28.71
C GLY A 424 2.28 -41.42 -30.14
N TYR A 425 1.02 -41.49 -30.54
CA TYR A 425 0.64 -42.02 -31.85
C TYR A 425 0.64 -40.98 -32.96
N ILE A 426 0.18 -39.77 -32.65
CA ILE A 426 0.00 -38.73 -33.66
C ILE A 426 1.30 -38.24 -34.31
N TYR A 427 2.42 -38.32 -33.57
CA TYR A 427 3.70 -37.90 -34.13
C TYR A 427 4.41 -39.11 -34.70
N GLN A 428 3.97 -40.29 -34.29
CA GLN A 428 4.53 -41.53 -34.81
C GLN A 428 4.03 -41.78 -36.22
N MET A 429 2.75 -41.50 -36.46
CA MET A 429 2.15 -41.71 -37.77
C MET A 429 2.80 -40.80 -38.79
N ARG A 430 3.01 -39.55 -38.40
CA ARG A 430 3.61 -38.56 -39.27
C ARG A 430 5.11 -38.82 -39.45
N ALA A 431 5.75 -39.34 -38.40
CA ALA A 431 7.16 -39.72 -38.51
C ALA A 431 7.30 -40.93 -39.41
N GLU A 432 6.31 -41.81 -39.37
CA GLU A 432 6.29 -43.01 -40.20
C GLU A 432 6.10 -42.66 -41.67
N GLU A 446 13.66 -53.02 -50.07
CA GLU A 446 13.39 -54.23 -49.31
C GLU A 446 12.92 -53.90 -47.90
N GLU A 447 13.67 -53.03 -47.23
CA GLU A 447 13.28 -52.54 -45.91
C GLU A 447 11.98 -51.76 -46.02
N ALA A 448 11.92 -50.89 -47.03
CA ALA A 448 10.73 -50.09 -47.29
C ALA A 448 9.50 -50.96 -47.55
N GLN A 449 9.72 -52.10 -48.19
CA GLN A 449 8.66 -53.05 -48.51
C GLN A 449 8.21 -53.81 -47.25
N GLU A 450 9.19 -54.27 -46.49
CA GLU A 450 8.98 -54.92 -45.19
C GLU A 450 8.08 -54.06 -44.32
N LEU A 451 8.49 -52.81 -44.13
CA LEU A 451 7.68 -51.80 -43.46
C LEU A 451 6.30 -51.68 -44.10
N TYR A 452 6.29 -51.61 -45.43
CA TYR A 452 5.08 -51.34 -46.19
C TYR A 452 3.99 -52.38 -45.95
N LEU A 453 4.39 -53.62 -45.71
CA LEU A 453 3.40 -54.66 -45.44
C LEU A 453 3.19 -54.86 -43.94
N LYS A 454 4.17 -54.47 -43.12
CA LYS A 454 4.05 -54.65 -41.68
C LYS A 454 3.15 -53.61 -41.02
N VAL A 455 3.22 -52.36 -41.47
CA VAL A 455 2.47 -51.27 -40.84
C VAL A 455 1.07 -51.10 -41.43
N ASN A 456 0.93 -51.30 -42.74
CA ASN A 456 -0.39 -51.31 -43.38
C ASN A 456 -1.34 -52.28 -42.69
N GLU A 457 -0.76 -53.29 -42.06
CA GLU A 457 -1.50 -54.29 -41.30
C GLU A 457 -2.16 -53.66 -40.08
N GLU A 458 -1.44 -52.73 -39.45
CA GLU A 458 -1.83 -52.10 -38.20
C GLU A 458 -3.01 -51.11 -38.28
N ARG A 459 -3.13 -50.44 -39.42
CA ARG A 459 -4.10 -49.34 -39.55
C ARG A 459 -5.56 -49.78 -39.49
N ARG A 460 -5.89 -50.87 -40.17
CA ARG A 460 -7.25 -51.38 -40.16
C ARG A 460 -7.55 -51.99 -38.80
N ILE A 461 -6.53 -52.58 -38.19
CA ILE A 461 -6.66 -53.19 -36.87
C ILE A 461 -7.01 -52.18 -35.79
N HIS A 462 -6.31 -51.05 -35.78
CA HIS A 462 -6.57 -50.01 -34.78
C HIS A 462 -7.99 -49.45 -34.85
N LYS A 463 -8.48 -49.24 -36.06
CA LYS A 463 -9.81 -48.63 -36.27
C LYS A 463 -10.96 -49.43 -35.67
N GLN A 464 -10.88 -50.76 -35.75
CA GLN A 464 -11.96 -51.60 -35.24
C GLN A 464 -11.92 -51.74 -33.72
N ASN A 465 -10.75 -51.51 -33.12
CA ASN A 465 -10.59 -51.65 -31.67
C ASN A 465 -11.44 -50.64 -30.90
N GLY A 466 -11.53 -49.42 -31.42
CA GLY A 466 -12.30 -48.38 -30.77
C GLY A 466 -11.54 -47.07 -30.74
N SER A 467 -10.45 -47.02 -31.50
CA SER A 467 -9.61 -45.81 -31.58
C SER A 467 -9.06 -45.45 -30.21
N ILE A 468 -8.55 -46.45 -29.48
CA ILE A 468 -7.95 -46.20 -28.18
C ILE A 468 -6.44 -46.17 -28.34
N GLU A 469 -5.85 -45.05 -27.91
CA GLU A 469 -4.41 -44.83 -28.07
C GLU A 469 -3.75 -44.54 -26.73
N GLU A 470 -2.46 -44.81 -26.63
CA GLU A 470 -1.75 -44.54 -25.39
C GLU A 470 -1.40 -43.06 -25.29
N ALA A 471 -1.79 -42.44 -24.19
CA ALA A 471 -1.51 -41.02 -24.00
C ALA A 471 -0.74 -40.80 -22.70
N GLU A 472 0.13 -39.81 -22.69
CA GLU A 472 0.92 -39.51 -21.50
C GLU A 472 0.68 -38.08 -21.03
N ILE A 473 0.37 -37.94 -19.74
CA ILE A 473 0.23 -36.62 -19.13
C ILE A 473 1.46 -36.31 -18.28
N ILE A 474 2.42 -35.61 -18.88
CA ILE A 474 3.67 -35.30 -18.21
C ILE A 474 3.50 -34.31 -17.06
N VAL A 475 3.83 -34.76 -15.86
CA VAL A 475 3.88 -33.92 -14.67
C VAL A 475 5.34 -33.49 -14.50
N ALA A 476 5.74 -32.54 -15.34
CA ALA A 476 7.10 -32.02 -15.36
C ALA A 476 7.39 -31.10 -14.18
N LYS A 477 6.41 -30.31 -13.78
CA LYS A 477 6.61 -29.38 -12.69
C LYS A 477 5.60 -29.59 -11.58
N ASN A 478 6.11 -29.73 -10.36
CA ASN A 478 5.31 -29.97 -9.18
C ASN A 478 5.97 -29.32 -7.98
N ARG A 479 5.42 -28.18 -7.55
CA ARG A 479 6.02 -27.41 -6.47
C ARG A 479 5.96 -28.20 -5.17
N ASN A 480 7.13 -28.46 -4.61
CA ASN A 480 7.28 -29.24 -3.38
C ASN A 480 6.63 -30.63 -3.52
N GLY A 481 6.88 -31.28 -4.65
CA GLY A 481 6.32 -32.60 -4.89
C GLY A 481 7.18 -33.47 -5.78
N ALA A 482 6.53 -34.36 -6.53
CA ALA A 482 7.24 -35.31 -7.37
C ALA A 482 7.04 -35.02 -8.85
N THR A 483 8.07 -35.31 -9.64
CA THR A 483 8.03 -35.10 -11.08
C THR A 483 7.97 -36.46 -11.77
N GLY A 484 6.95 -36.66 -12.60
CA GLY A 484 6.76 -37.96 -13.22
C GLY A 484 5.80 -37.95 -14.38
N THR A 485 5.49 -39.11 -14.95
CA THR A 485 4.57 -39.19 -16.07
C THR A 485 3.50 -40.27 -15.86
N VAL A 486 2.26 -39.96 -16.22
CA VAL A 486 1.16 -40.91 -16.09
C VAL A 486 0.56 -41.32 -17.43
N TYR A 487 0.35 -42.62 -17.59
CA TYR A 487 -0.24 -43.19 -18.80
C TYR A 487 -1.75 -43.34 -18.66
N THR A 488 -2.48 -42.81 -19.64
CA THR A 488 -3.93 -42.96 -19.69
C THR A 488 -4.38 -43.29 -21.11
N ARG A 489 -5.42 -44.12 -21.21
CA ARG A 489 -5.99 -44.48 -22.50
C ARG A 489 -6.83 -43.33 -23.05
N PHE A 490 -6.53 -42.92 -24.28
CA PHE A 490 -7.31 -41.86 -24.92
C PHE A 490 -8.23 -42.40 -26.00
N ASN A 491 -9.44 -41.88 -26.00
CA ASN A 491 -10.46 -42.17 -27.00
C ASN A 491 -10.53 -41.04 -28.02
N ALA A 492 -10.20 -41.37 -29.27
CA ALA A 492 -10.13 -40.39 -30.35
C ALA A 492 -11.48 -39.76 -30.74
N PRO A 493 -12.53 -40.58 -30.95
CA PRO A 493 -13.75 -39.95 -31.49
C PRO A 493 -14.46 -39.06 -30.48
N PHE A 494 -14.56 -39.52 -29.23
CA PHE A 494 -15.17 -38.73 -28.16
C PHE A 494 -14.20 -37.68 -27.64
N THR A 495 -12.94 -37.80 -28.04
CA THR A 495 -11.86 -36.94 -27.58
C THR A 495 -11.83 -36.94 -26.06
N ARG A 496 -11.81 -38.13 -25.47
CA ARG A 496 -11.92 -38.24 -24.02
C ARG A 496 -10.79 -39.06 -23.42
N TYR A 497 -10.36 -38.69 -22.22
CA TYR A 497 -9.31 -39.41 -21.55
C TYR A 497 -9.86 -40.35 -20.50
N GLU A 498 -9.81 -41.64 -20.78
CA GLU A 498 -10.31 -42.65 -19.86
C GLU A 498 -9.40 -42.70 -18.65
N ASP A 499 -10.01 -42.71 -17.47
CA ASP A 499 -9.26 -42.72 -16.22
C ASP A 499 -9.00 -44.16 -15.78
N MET A 500 -7.75 -44.48 -15.50
CA MET A 500 -7.39 -45.84 -15.10
C MET A 500 -6.04 -45.88 -14.37
N PRO A 501 -6.01 -46.54 -13.20
CA PRO A 501 -4.83 -46.66 -12.34
C PRO A 501 -3.70 -47.47 -12.97
N ILE A 502 -2.57 -47.56 -12.27
CA ILE A 502 -1.38 -48.23 -12.79
C ILE A 502 -1.53 -49.76 -12.78
N ASP A 503 -2.25 -50.28 -11.79
CA ASP A 503 -2.44 -51.72 -11.66
C ASP A 503 -3.44 -52.25 -12.68
N SER A 504 -4.34 -51.39 -13.12
CA SER A 504 -5.36 -51.78 -14.10
C SER A 504 -4.89 -51.49 -15.53
N HIS A 505 -4.03 -50.48 -15.68
CA HIS A 505 -3.52 -50.09 -16.98
C HIS A 505 -2.49 -51.10 -17.49
N LEU A 506 -2.06 -50.92 -18.73
CA LEU A 506 -1.03 -51.76 -19.37
C LEU A 506 -1.46 -53.22 -19.51
N THR B 33 8.17 35.68 9.92
CA THR B 33 7.84 34.65 10.89
C THR B 33 9.05 33.80 11.24
N MET B 34 10.16 34.03 10.54
CA MET B 34 11.35 33.23 10.73
C MET B 34 12.57 34.07 11.06
N ASP B 35 13.33 33.62 12.05
CA ASP B 35 14.51 34.35 12.52
C ASP B 35 15.75 33.47 12.43
N HIS B 36 16.73 33.89 11.63
CA HIS B 36 17.99 33.17 11.50
C HIS B 36 18.67 32.99 12.84
N LEU B 37 19.66 32.09 12.90
CA LEU B 37 20.45 31.86 14.12
C LEU B 37 19.65 31.19 15.26
N LYS B 38 18.33 31.11 15.10
CA LYS B 38 17.48 30.44 16.08
C LYS B 38 17.91 28.98 16.21
N HIS B 39 18.14 28.35 15.07
CA HIS B 39 18.66 26.99 15.03
C HIS B 39 20.03 26.88 15.70
N LEU B 40 20.83 27.93 15.60
CA LEU B 40 22.19 27.96 16.14
C LEU B 40 22.25 27.75 17.67
N GLN B 41 21.40 28.44 18.42
CA GLN B 41 21.40 28.30 19.87
C GLN B 41 21.09 26.85 20.22
N GLN B 42 20.30 26.21 19.36
CA GLN B 42 20.02 24.78 19.46
C GLN B 42 21.30 23.99 19.14
N LEU B 43 22.07 24.51 18.20
CA LEU B 43 23.28 23.85 17.72
C LEU B 43 24.32 23.79 18.85
N GLN B 44 24.33 24.83 19.68
CA GLN B 44 25.22 24.91 20.85
C GLN B 44 24.96 23.74 21.82
N ASN B 45 23.68 23.45 21.99
CA ASN B 45 23.18 22.41 22.87
C ASN B 45 23.85 21.08 22.54
N ILE B 46 23.98 20.79 21.25
CA ILE B 46 24.62 19.55 20.80
C ILE B 46 26.04 19.43 21.35
N GLU B 47 26.79 20.52 21.26
CA GLU B 47 28.15 20.58 21.78
C GLU B 47 28.09 20.19 23.25
N ARG B 48 27.14 20.81 23.95
CA ARG B 48 26.98 20.56 25.38
C ARG B 48 26.79 19.05 25.64
N ILE B 49 25.89 18.47 24.85
CA ILE B 49 25.54 17.05 24.95
C ILE B 49 26.77 16.17 24.80
N VAL B 50 27.48 16.36 23.69
CA VAL B 50 28.66 15.55 23.37
C VAL B 50 29.66 15.63 24.52
N LEU B 51 29.90 16.86 24.98
CA LEU B 51 30.84 17.06 26.08
C LEU B 51 30.41 16.26 27.29
N SER B 52 29.10 16.27 27.58
CA SER B 52 28.59 15.54 28.74
C SER B 52 28.83 14.03 28.57
N GLY B 53 28.62 13.55 27.35
CA GLY B 53 28.79 12.13 27.06
C GLY B 53 30.24 11.72 27.28
N ILE B 54 31.16 12.61 26.92
CA ILE B 54 32.58 12.34 27.13
C ILE B 54 32.92 12.43 28.62
N VAL B 55 32.23 13.32 29.34
CA VAL B 55 32.40 13.42 30.79
C VAL B 55 32.13 12.06 31.40
N LEU B 56 30.98 11.48 31.02
CA LEU B 56 30.61 10.17 31.54
C LEU B 56 31.54 9.08 31.00
N ALA B 57 31.83 9.12 29.71
CA ALA B 57 32.72 8.15 29.09
C ALA B 57 34.02 8.80 28.63
N ASN B 58 35.06 8.70 29.46
CA ASN B 58 36.34 9.33 29.18
C ASN B 58 36.95 8.86 27.87
N HIS B 59 36.74 7.58 27.54
CA HIS B 59 37.36 6.98 26.37
C HIS B 59 36.86 7.60 25.07
N LYS B 60 35.67 8.18 25.10
CA LYS B 60 35.05 8.75 23.91
C LYS B 60 35.83 9.94 23.36
N ILE B 61 36.66 10.56 24.18
CA ILE B 61 37.41 11.74 23.76
C ILE B 61 38.26 11.46 22.52
N GLU B 62 38.79 10.25 22.42
CA GLU B 62 39.65 9.87 21.30
C GLU B 62 38.86 9.91 19.98
N GLU B 63 37.71 9.24 19.98
CA GLU B 63 36.89 9.14 18.79
C GLU B 63 36.31 10.51 18.46
N VAL B 64 36.18 11.38 19.47
CA VAL B 64 35.77 12.77 19.21
C VAL B 64 36.88 13.58 18.53
N HIS B 65 38.05 13.61 19.15
CA HIS B 65 39.21 14.35 18.64
C HIS B 65 39.59 13.91 17.25
N SER B 66 39.39 12.63 16.96
CA SER B 66 39.71 12.09 15.64
C SER B 66 38.96 12.83 14.53
N VAL B 67 37.83 13.42 14.89
CA VAL B 67 37.02 14.18 13.95
C VAL B 67 37.09 15.68 14.20
N LEU B 68 36.67 16.10 15.40
CA LEU B 68 36.52 17.53 15.68
C LEU B 68 37.74 18.16 16.33
N GLU B 69 37.88 19.47 16.13
CA GLU B 69 39.00 20.23 16.64
C GLU B 69 38.48 21.40 17.48
N PRO B 70 39.34 22.02 18.31
CA PRO B 70 38.86 23.12 19.17
C PRO B 70 38.30 24.30 18.36
N SER B 71 38.90 24.57 17.21
CA SER B 71 38.46 25.67 16.36
C SER B 71 37.14 25.34 15.66
N ASP B 72 36.82 24.05 15.59
CA ASP B 72 35.63 23.57 14.91
C ASP B 72 34.36 24.01 15.64
N PHE B 73 34.53 24.50 16.87
CA PHE B 73 33.39 24.88 17.69
C PHE B 73 32.90 26.28 17.39
N TYR B 74 31.57 26.43 17.37
CA TYR B 74 30.96 27.74 17.22
C TYR B 74 31.13 28.50 18.52
N TYR B 75 30.58 27.93 19.59
CA TYR B 75 30.63 28.57 20.90
C TYR B 75 32.00 28.38 21.53
N PRO B 76 32.75 29.48 21.70
CA PRO B 76 34.13 29.49 22.19
C PRO B 76 34.37 28.76 23.53
N PRO B 77 33.55 29.01 24.58
CA PRO B 77 33.86 28.31 25.83
C PRO B 77 33.87 26.80 25.65
N ASN B 78 33.03 26.32 24.74
CA ASN B 78 32.94 24.90 24.44
C ASN B 78 34.22 24.42 23.76
N GLY B 79 34.73 25.20 22.81
CA GLY B 79 35.93 24.84 22.08
C GLY B 79 37.15 24.77 22.98
N LEU B 80 37.34 25.80 23.79
CA LEU B 80 38.46 25.82 24.72
C LEU B 80 38.29 24.69 25.74
N PHE B 81 37.04 24.47 26.14
CA PHE B 81 36.68 23.38 27.04
C PHE B 81 37.24 22.08 26.48
N PHE B 82 36.96 21.87 25.19
CA PHE B 82 37.44 20.71 24.45
C PHE B 82 38.96 20.64 24.48
N GLU B 83 39.59 21.79 24.30
CA GLU B 83 41.05 21.89 24.28
C GLU B 83 41.63 21.36 25.60
N ILE B 84 41.03 21.83 26.69
CA ILE B 84 41.44 21.42 28.03
C ILE B 84 41.25 19.92 28.16
N ALA B 85 40.12 19.44 27.68
CA ALA B 85 39.81 18.01 27.75
C ALA B 85 40.91 17.19 27.09
N LEU B 86 41.37 17.65 25.93
CA LEU B 86 42.43 16.96 25.20
C LEU B 86 43.72 16.94 26.03
N LYS B 87 44.08 18.13 26.52
CA LYS B 87 45.32 18.26 27.29
C LYS B 87 45.32 17.35 28.51
N LEU B 88 44.14 17.16 29.09
CA LEU B 88 43.99 16.27 30.24
C LEU B 88 44.05 14.79 29.84
N HIS B 89 43.43 14.44 28.71
CA HIS B 89 43.41 13.05 28.30
C HIS B 89 44.80 12.56 27.91
N GLU B 90 45.60 13.43 27.32
CA GLU B 90 46.93 13.01 26.86
C GLU B 90 47.85 12.58 28.00
N GLU B 91 47.63 13.15 29.18
CA GLU B 91 48.40 12.77 30.36
C GLU B 91 47.66 11.71 31.18
N ASP B 92 46.70 11.05 30.52
CA ASP B 92 45.91 9.97 31.14
C ASP B 92 45.27 10.42 32.45
N CYS B 93 44.57 11.56 32.39
CA CYS B 93 43.86 12.06 33.55
C CYS B 93 42.37 12.17 33.26
N PRO B 94 41.54 11.66 34.18
CA PRO B 94 40.09 11.65 33.99
C PRO B 94 39.51 13.05 33.89
N ILE B 95 38.32 13.16 33.33
CA ILE B 95 37.70 14.46 33.06
C ILE B 95 36.44 14.65 33.90
N ASP B 96 36.47 15.63 34.79
CA ASP B 96 35.31 15.95 35.62
C ASP B 96 35.39 17.36 36.18
N GLU B 97 34.30 17.80 36.83
CA GLU B 97 34.20 19.15 37.39
C GLU B 97 35.46 19.52 38.16
N ASN B 98 35.96 18.58 38.95
CA ASN B 98 37.15 18.81 39.75
C ASN B 98 38.35 18.99 38.83
N PHE B 99 38.55 18.01 37.95
CA PHE B 99 39.68 18.02 37.03
C PHE B 99 39.63 19.21 36.06
N ILE B 100 38.41 19.67 35.74
CA ILE B 100 38.22 20.74 34.77
C ILE B 100 38.47 22.11 35.41
N ARG B 101 37.87 22.32 36.58
CA ARG B 101 37.99 23.58 37.28
C ARG B 101 39.44 23.88 37.63
N GLN B 102 40.17 22.85 38.05
CA GLN B 102 41.57 23.00 38.44
C GLN B 102 42.52 23.29 37.27
N LYS B 103 42.39 22.53 36.19
CA LYS B 103 43.30 22.68 35.05
C LYS B 103 42.85 23.83 34.15
N MET B 104 42.41 24.91 34.77
CA MET B 104 42.03 26.11 34.03
C MET B 104 43.28 26.79 33.46
N PRO B 105 43.23 27.16 32.17
CA PRO B 105 44.36 27.82 31.49
C PRO B 105 44.64 29.23 32.02
N LYS B 106 43.65 29.82 32.69
CA LYS B 106 43.72 31.17 33.26
C LYS B 106 43.96 32.25 32.19
N ASP B 107 43.73 31.89 30.93
CA ASP B 107 43.76 32.89 29.86
C ASP B 107 42.33 33.29 29.50
N LYS B 108 41.44 32.30 29.48
CA LYS B 108 40.03 32.56 29.26
C LYS B 108 39.23 31.84 30.34
N GLN B 109 38.17 32.48 30.83
CA GLN B 109 37.36 31.92 31.90
C GLN B 109 35.93 31.62 31.45
N ILE B 110 35.51 30.38 31.64
CA ILE B 110 34.17 29.96 31.25
C ILE B 110 33.13 30.59 32.18
N LYS B 111 32.11 31.21 31.59
CA LYS B 111 31.02 31.81 32.35
C LYS B 111 30.32 30.77 33.21
N GLU B 112 29.96 31.14 34.44
CA GLU B 112 29.36 30.20 35.37
C GLU B 112 28.07 29.59 34.81
N GLU B 113 27.30 30.40 34.12
CA GLU B 113 26.03 29.98 33.55
C GLU B 113 26.23 28.79 32.61
N ASP B 114 27.31 28.85 31.83
CA ASP B 114 27.60 27.81 30.84
C ASP B 114 28.26 26.60 31.51
N LEU B 115 29.24 26.91 32.36
CA LEU B 115 30.06 25.90 33.05
C LEU B 115 29.20 24.84 33.68
N VAL B 116 28.25 25.29 34.50
CA VAL B 116 27.34 24.38 35.19
C VAL B 116 26.43 23.68 34.18
N ALA B 117 25.91 24.46 33.23
CA ALA B 117 24.96 23.96 32.24
C ALA B 117 25.48 22.74 31.49
N ILE B 118 26.79 22.70 31.25
CA ILE B 118 27.38 21.56 30.54
C ILE B 118 27.26 20.26 31.34
N PHE B 119 27.65 20.29 32.60
CA PHE B 119 27.57 19.11 33.46
C PHE B 119 26.12 18.75 33.76
N ALA B 120 25.28 19.78 33.85
CA ALA B 120 23.87 19.62 34.18
C ALA B 120 23.13 18.89 33.06
N ALA B 121 23.72 18.89 31.88
CA ALA B 121 23.12 18.28 30.70
C ALA B 121 22.85 16.80 30.89
N SER B 122 21.71 16.35 30.34
CA SER B 122 21.32 14.95 30.39
C SER B 122 22.24 14.10 29.51
N PRO B 123 22.81 13.03 30.09
CA PRO B 123 23.80 12.17 29.41
C PRO B 123 23.20 11.37 28.26
N ILE B 124 23.86 11.37 27.10
CA ILE B 124 23.35 10.67 25.93
C ILE B 124 24.39 9.76 25.27
N ASP B 125 23.97 8.54 24.95
CA ASP B 125 24.81 7.53 24.30
C ASP B 125 24.71 7.68 22.78
N ASN B 126 25.54 6.93 22.06
CA ASN B 126 25.56 6.93 20.58
C ASN B 126 25.68 8.35 20.03
N ILE B 127 26.63 9.10 20.57
CA ILE B 127 26.85 10.50 20.23
C ILE B 127 27.65 10.69 18.94
N GLU B 128 27.97 9.58 18.30
CA GLU B 128 28.75 9.58 17.06
C GLU B 128 28.15 10.50 16.00
N ALA B 129 26.82 10.40 15.88
CA ALA B 129 26.07 11.20 14.92
C ALA B 129 26.13 12.67 15.30
N TYR B 130 26.14 12.93 16.60
CA TYR B 130 26.18 14.30 17.10
C TYR B 130 27.54 14.89 16.73
N VAL B 131 28.59 14.07 16.85
CA VAL B 131 29.93 14.50 16.49
C VAL B 131 29.96 14.85 15.01
N GLU B 132 29.45 13.93 14.19
CA GLU B 132 29.36 14.12 12.75
C GLU B 132 28.64 15.43 12.38
N GLU B 133 27.52 15.68 13.04
CA GLU B 133 26.71 16.88 12.80
C GLU B 133 27.41 18.17 13.22
N ILE B 134 28.16 18.12 14.33
CA ILE B 134 28.89 19.31 14.75
C ILE B 134 29.98 19.57 13.73
N LYS B 135 30.54 18.48 13.20
CA LYS B 135 31.50 18.59 12.13
C LYS B 135 30.82 19.24 10.93
N ASN B 136 29.55 18.90 10.71
CA ASN B 136 28.75 19.50 9.65
C ASN B 136 28.66 21.01 9.84
N ALA B 137 28.40 21.43 11.08
CA ALA B 137 28.26 22.86 11.37
C ALA B 137 29.57 23.60 11.14
N SER B 138 30.67 23.00 11.57
CA SER B 138 31.98 23.61 11.40
C SER B 138 32.25 23.72 9.90
N ILE B 139 31.96 22.64 9.19
CA ILE B 139 32.12 22.58 7.74
C ILE B 139 31.39 23.76 7.11
N LYS B 140 30.14 23.95 7.52
CA LYS B 140 29.31 25.06 7.06
C LYS B 140 30.05 26.37 7.31
N ARG B 141 30.68 26.49 8.47
CA ARG B 141 31.41 27.70 8.81
C ARG B 141 32.55 27.94 7.80
N LYS B 142 33.29 26.88 7.51
CA LYS B 142 34.40 26.98 6.55
C LYS B 142 33.83 27.43 5.21
N LEU B 143 32.63 26.92 4.91
CA LEU B 143 31.93 27.28 3.69
C LEU B 143 31.67 28.78 3.64
N PHE B 144 31.04 29.32 4.69
CA PHE B 144 30.67 30.74 4.65
C PHE B 144 31.92 31.60 4.52
N GLY B 145 33.00 31.19 5.18
CA GLY B 145 34.20 32.01 5.14
C GLY B 145 34.85 31.99 3.77
N LEU B 146 35.04 30.79 3.25
CA LEU B 146 35.72 30.62 1.96
C LEU B 146 34.91 31.20 0.81
N ALA B 147 33.60 30.96 0.84
CA ALA B 147 32.70 31.40 -0.22
C ALA B 147 32.80 32.90 -0.40
N ASN B 148 32.77 33.62 0.71
CA ASN B 148 32.89 35.07 0.66
C ASN B 148 34.30 35.40 0.18
N THR B 149 35.29 34.69 0.71
CA THR B 149 36.70 34.99 0.45
C THR B 149 37.04 35.00 -1.05
N ILE B 150 36.74 33.90 -1.72
CA ILE B 150 37.14 33.71 -3.12
C ILE B 150 36.53 34.77 -4.05
N ARG B 151 35.31 35.19 -3.76
CA ARG B 151 34.61 36.19 -4.56
C ARG B 151 35.40 37.50 -4.60
N GLU B 152 35.77 37.96 -3.41
CA GLU B 152 36.51 39.21 -3.29
C GLU B 152 37.90 39.02 -3.89
N GLN B 153 38.45 37.82 -3.74
CA GLN B 153 39.76 37.52 -4.32
C GLN B 153 39.71 37.68 -5.84
N ALA B 154 38.62 37.20 -6.42
CA ALA B 154 38.44 37.20 -7.86
C ALA B 154 38.13 38.60 -8.38
N LEU B 155 37.60 39.44 -7.50
CA LEU B 155 37.22 40.80 -7.89
C LEU B 155 38.37 41.66 -8.45
N GLU B 156 39.56 41.51 -7.87
CA GLU B 156 40.70 42.37 -8.23
C GLU B 156 41.26 42.18 -9.64
N SER B 157 41.44 40.92 -10.04
CA SER B 157 42.15 40.55 -11.27
C SER B 157 41.72 41.32 -12.51
N LYS B 160 44.83 39.08 -13.22
CA LYS B 160 45.08 37.67 -13.48
C LYS B 160 43.93 36.80 -13.01
N SER B 161 42.97 36.55 -13.89
CA SER B 161 41.81 35.72 -13.56
C SER B 161 42.21 34.25 -13.50
N SER B 162 43.24 33.89 -14.26
CA SER B 162 43.79 32.55 -14.22
C SER B 162 44.25 32.24 -12.80
N ASP B 163 44.84 33.25 -12.16
CA ASP B 163 45.25 33.14 -10.76
C ASP B 163 44.03 32.85 -9.88
N ILE B 164 42.93 33.53 -10.15
CA ILE B 164 41.69 33.30 -9.42
C ILE B 164 41.20 31.87 -9.59
N LEU B 165 41.35 31.35 -10.81
CA LEU B 165 40.99 29.97 -11.12
C LEU B 165 41.84 29.03 -10.27
N GLY B 166 43.15 29.27 -10.26
CA GLY B 166 44.06 28.46 -9.46
C GLY B 166 43.69 28.52 -7.99
N ALA B 167 43.21 29.68 -7.56
CA ALA B 167 42.79 29.89 -6.18
C ALA B 167 41.59 29.01 -5.89
N VAL B 168 40.70 28.92 -6.88
CA VAL B 168 39.52 28.08 -6.77
C VAL B 168 39.96 26.63 -6.63
N GLU B 169 40.95 26.23 -7.43
CA GLU B 169 41.43 24.86 -7.41
C GLU B 169 42.04 24.50 -6.06
N ARG B 170 42.83 25.44 -5.52
CA ARG B 170 43.51 25.22 -4.25
C ARG B 170 42.48 25.14 -3.12
N GLU B 171 41.47 26.00 -3.21
CA GLU B 171 40.40 26.00 -2.22
C GLU B 171 39.64 24.68 -2.28
N VAL B 172 39.50 24.17 -3.50
CA VAL B 172 38.81 22.91 -3.74
C VAL B 172 39.56 21.77 -3.08
N TYR B 173 40.87 21.71 -3.30
CA TYR B 173 41.70 20.68 -2.68
C TYR B 173 41.65 20.80 -1.16
N ALA B 174 41.61 22.04 -0.67
CA ALA B 174 41.60 22.31 0.76
C ALA B 174 40.33 21.75 1.39
N LEU B 175 39.20 22.02 0.76
CA LEU B 175 37.91 21.55 1.25
C LEU B 175 37.84 20.03 1.15
N LEU B 176 38.35 19.51 0.05
CA LEU B 176 38.32 18.07 -0.21
C LEU B 176 39.06 17.31 0.87
N ASN B 177 40.25 17.80 1.22
CA ASN B 177 41.02 17.19 2.29
C ASN B 177 40.34 17.41 3.63
N GLY B 178 39.70 18.58 3.78
CA GLY B 178 39.02 18.94 5.01
C GLY B 178 37.84 18.03 5.35
N SER B 179 37.12 17.58 4.34
CA SER B 179 35.87 16.83 4.55
C SER B 179 36.09 15.44 5.15
N THR B 180 37.04 14.69 4.59
CA THR B 180 37.31 13.32 5.02
C THR B 180 36.06 12.45 4.98
N ILE B 181 35.26 12.62 3.93
CA ILE B 181 34.07 11.81 3.71
C ILE B 181 34.34 10.78 2.62
N GLU B 182 34.20 9.51 2.97
CA GLU B 182 34.53 8.40 2.07
C GLU B 182 35.95 8.52 1.52
N GLY B 183 36.88 8.83 2.42
CA GLY B 183 38.27 9.06 2.03
C GLY B 183 39.03 7.75 1.82
N PHE B 184 40.36 7.85 1.76
CA PHE B 184 41.22 6.73 1.42
C PHE B 184 41.91 6.13 2.64
N ARG B 185 42.91 6.87 3.12
CA ARG B 185 43.80 6.45 4.19
C ARG B 185 43.08 5.94 5.44
N ASN B 186 43.69 5.02 6.19
CA ASN B 186 44.97 4.43 5.81
C ASN B 186 45.03 2.91 6.00
N ILE B 187 45.79 2.25 5.13
CA ILE B 187 45.92 0.80 5.10
C ILE B 187 46.66 0.20 6.31
N LYS B 188 47.82 0.78 6.64
CA LYS B 188 48.72 0.21 7.64
C LYS B 188 48.06 0.03 9.00
N GLU B 189 47.09 0.89 9.31
CA GLU B 189 46.36 0.78 10.57
C GLU B 189 45.46 -0.45 10.58
N VAL B 190 44.70 -0.62 9.50
CA VAL B 190 43.74 -1.70 9.41
C VAL B 190 44.45 -3.04 9.27
N LEU B 191 45.66 -3.03 8.72
CA LEU B 191 46.46 -4.25 8.59
C LEU B 191 46.70 -4.91 9.94
N GLU B 192 47.03 -4.08 10.93
CA GLU B 192 47.39 -4.56 12.25
C GLU B 192 46.18 -5.23 12.90
N SER B 193 45.01 -4.62 12.73
CA SER B 193 43.78 -5.18 13.27
C SER B 193 43.38 -6.46 12.55
N ALA B 194 43.60 -6.48 11.24
CA ALA B 194 43.29 -7.65 10.43
C ALA B 194 44.16 -8.83 10.83
N MET B 195 45.37 -8.51 11.29
CA MET B 195 46.28 -9.55 11.78
C MET B 195 45.87 -9.98 13.19
N ASP B 196 45.48 -9.00 13.99
CA ASP B 196 45.10 -9.25 15.37
C ASP B 196 43.80 -10.05 15.44
N LEU B 197 43.06 -10.08 14.34
CA LEU B 197 41.83 -10.84 14.28
C LEU B 197 42.09 -12.30 13.93
N ILE B 198 42.98 -12.53 12.96
CA ILE B 198 43.28 -13.90 12.54
C ILE B 198 44.17 -14.62 13.56
N THR B 199 45.02 -13.87 14.24
CA THR B 199 45.88 -14.46 15.26
C THR B 199 45.06 -14.84 16.50
N GLU B 200 43.95 -14.15 16.71
CA GLU B 200 43.07 -14.42 17.84
C GLU B 200 42.41 -15.78 17.68
N ASN B 201 42.03 -16.09 16.44
CA ASN B 201 41.46 -17.39 16.11
C ASN B 201 42.57 -18.43 16.02
N GLN B 202 43.76 -17.98 15.65
CA GLN B 202 44.95 -18.82 15.63
C GLN B 202 45.37 -19.13 17.06
N ARG B 203 45.12 -18.18 17.96
CA ARG B 203 45.43 -18.35 19.37
C ARG B 203 44.59 -19.46 19.98
N VAL B 209 39.56 -22.39 12.22
CA VAL B 209 38.60 -21.92 11.23
C VAL B 209 38.87 -20.47 10.86
N THR B 210 38.71 -20.14 9.58
CA THR B 210 38.97 -18.79 9.10
C THR B 210 37.67 -18.00 8.89
N GLY B 211 36.63 -18.68 8.42
CA GLY B 211 35.35 -18.04 8.18
C GLY B 211 34.19 -18.77 8.83
N ILE B 212 33.06 -18.79 8.13
CA ILE B 212 31.86 -19.46 8.61
C ILE B 212 31.86 -20.90 8.11
N PRO B 213 31.59 -21.86 9.01
CA PRO B 213 31.70 -23.28 8.62
C PRO B 213 30.66 -23.68 7.58
N THR B 214 31.11 -24.43 6.57
CA THR B 214 30.25 -24.86 5.48
C THR B 214 29.33 -26.00 5.90
N GLY B 215 29.92 -27.00 6.54
CA GLY B 215 29.18 -28.19 6.92
C GLY B 215 29.88 -29.42 6.39
N PHE B 216 30.59 -29.26 5.28
CA PHE B 216 31.38 -30.33 4.71
C PHE B 216 32.87 -30.06 4.88
N VAL B 217 33.55 -30.94 5.59
CA VAL B 217 34.98 -30.80 5.84
C VAL B 217 35.76 -30.94 4.54
N GLN B 218 35.21 -31.73 3.62
CA GLN B 218 35.81 -31.93 2.30
C GLN B 218 35.91 -30.59 1.58
N LEU B 219 34.81 -29.86 1.62
CA LEU B 219 34.67 -28.59 0.93
C LEU B 219 35.47 -27.48 1.60
N ASP B 220 35.48 -27.48 2.93
CA ASP B 220 36.18 -26.46 3.69
C ASP B 220 37.69 -26.53 3.55
N ASN B 221 38.19 -27.64 3.03
CA ASN B 221 39.62 -27.78 2.75
C ASN B 221 40.01 -26.86 1.59
N TYR B 222 39.06 -26.63 0.70
CA TYR B 222 39.27 -25.80 -0.47
C TYR B 222 38.81 -24.36 -0.18
N THR B 223 37.59 -24.25 0.31
CA THR B 223 36.96 -22.96 0.54
C THR B 223 37.63 -22.17 1.66
N SER B 224 38.21 -22.90 2.62
CA SER B 224 38.78 -22.32 3.84
C SER B 224 37.71 -21.54 4.59
N GLY B 225 36.49 -22.09 4.60
CA GLY B 225 35.37 -21.47 5.26
C GLY B 225 34.84 -20.29 4.45
N PHE B 226 33.66 -19.81 4.82
CA PHE B 226 33.04 -18.70 4.10
C PHE B 226 33.60 -17.37 4.55
N ASN B 227 34.53 -16.85 3.77
CA ASN B 227 35.16 -15.57 4.08
C ASN B 227 34.22 -14.40 3.81
N LYS B 228 34.34 -13.35 4.62
CA LYS B 228 33.43 -12.22 4.58
C LYS B 228 33.50 -11.41 3.28
N GLY B 229 32.34 -11.04 2.77
CA GLY B 229 32.26 -10.21 1.58
C GLY B 229 32.51 -11.01 0.31
N SER B 230 32.50 -12.33 0.46
CA SER B 230 32.77 -13.22 -0.66
C SER B 230 31.47 -13.73 -1.27
N LEU B 231 31.34 -13.56 -2.58
CA LEU B 231 30.13 -14.00 -3.26
C LEU B 231 30.26 -15.46 -3.67
N VAL B 232 29.35 -16.30 -3.17
CA VAL B 232 29.40 -17.74 -3.45
C VAL B 232 28.10 -18.20 -4.09
N ILE B 233 28.20 -19.00 -5.14
CA ILE B 233 27.02 -19.44 -5.89
C ILE B 233 27.01 -20.96 -6.10
N ILE B 234 25.83 -21.57 -6.00
CA ILE B 234 25.65 -22.99 -6.28
C ILE B 234 24.60 -23.19 -7.38
N GLY B 235 25.03 -23.77 -8.49
CA GLY B 235 24.13 -24.09 -9.59
C GLY B 235 23.78 -25.56 -9.66
N ALA B 236 22.52 -25.89 -9.44
CA ALA B 236 22.08 -27.28 -9.44
C ALA B 236 20.79 -27.50 -10.24
N ARG B 237 20.67 -28.67 -10.85
CA ARG B 237 19.47 -29.07 -11.57
C ARG B 237 18.34 -29.36 -10.59
N PRO B 238 17.08 -29.20 -11.02
CA PRO B 238 15.95 -29.38 -10.11
C PRO B 238 15.82 -30.80 -9.56
N SER B 239 15.20 -30.92 -8.38
CA SER B 239 14.91 -32.22 -7.76
C SER B 239 16.17 -33.02 -7.40
N MET B 240 17.35 -32.44 -7.64
CA MET B 240 18.61 -33.09 -7.29
C MET B 240 18.83 -33.02 -5.78
N GLY B 241 18.00 -32.22 -5.11
CA GLY B 241 18.08 -32.05 -3.68
C GLY B 241 18.77 -30.75 -3.33
N LYS B 242 18.61 -29.75 -4.20
CA LYS B 242 19.20 -28.44 -4.00
C LYS B 242 18.62 -27.77 -2.76
N THR B 243 17.29 -27.74 -2.72
CA THR B 243 16.54 -27.05 -1.67
C THR B 243 16.82 -27.69 -0.32
N SER B 244 16.98 -29.02 -0.32
CA SER B 244 17.27 -29.76 0.89
C SER B 244 18.73 -29.53 1.32
N LEU B 245 19.63 -29.54 0.34
CA LEU B 245 21.06 -29.37 0.60
C LEU B 245 21.36 -28.02 1.24
N MET B 246 20.69 -26.98 0.78
CA MET B 246 20.92 -25.63 1.31
C MET B 246 20.69 -25.54 2.83
N MET B 247 19.63 -26.19 3.29
CA MET B 247 19.21 -26.10 4.69
C MET B 247 20.26 -26.62 5.66
N ASN B 248 20.99 -27.64 5.25
CA ASN B 248 22.02 -28.24 6.10
C ASN B 248 23.16 -27.25 6.33
N MET B 249 23.52 -26.53 5.27
CA MET B 249 24.56 -25.53 5.35
C MET B 249 24.07 -24.35 6.17
N VAL B 250 22.76 -24.12 6.14
CA VAL B 250 22.15 -23.10 6.99
C VAL B 250 22.35 -23.49 8.46
N LEU B 251 22.07 -24.76 8.76
CA LEU B 251 22.24 -25.29 10.11
C LEU B 251 23.70 -25.20 10.56
N SER B 252 24.61 -25.37 9.60
CA SER B 252 26.04 -25.31 9.87
C SER B 252 26.41 -23.95 10.43
N ALA B 253 25.71 -22.92 9.96
CA ALA B 253 25.91 -21.56 10.45
C ALA B 253 25.15 -21.34 11.75
N LEU B 254 23.99 -21.99 11.89
CA LEU B 254 23.20 -21.83 13.11
C LEU B 254 23.88 -22.39 14.36
N ASN B 255 24.58 -23.51 14.22
CA ASN B 255 25.33 -24.04 15.37
C ASN B 255 26.57 -23.20 15.66
N ASP B 256 26.92 -22.33 14.71
CA ASP B 256 27.98 -21.35 14.90
C ASP B 256 27.40 -20.02 15.35
N ASP B 257 26.12 -20.04 15.72
CA ASP B 257 25.37 -18.89 16.26
C ASP B 257 25.50 -17.62 15.41
N ARG B 258 25.43 -17.78 14.10
CA ARG B 258 25.52 -16.62 13.20
C ARG B 258 24.19 -16.34 12.49
N GLY B 259 23.76 -15.08 12.57
CA GLY B 259 22.51 -14.64 12.00
C GLY B 259 22.38 -14.87 10.50
N VAL B 260 21.32 -15.56 10.10
CA VAL B 260 21.08 -15.84 8.69
C VAL B 260 19.76 -15.26 8.17
N ALA B 261 19.83 -14.56 7.05
CA ALA B 261 18.64 -14.05 6.37
C ALA B 261 18.33 -14.97 5.19
N VAL B 262 17.09 -15.44 5.11
CA VAL B 262 16.71 -16.40 4.08
C VAL B 262 15.73 -15.82 3.07
N PHE B 263 16.02 -16.02 1.79
CA PHE B 263 15.15 -15.51 0.73
C PHE B 263 14.67 -16.58 -0.26
N SER B 264 13.40 -16.92 -0.14
CA SER B 264 12.76 -17.84 -1.07
C SER B 264 11.78 -17.07 -1.97
N LEU B 265 12.11 -17.00 -3.26
CA LEU B 265 11.23 -16.34 -4.22
C LEU B 265 10.17 -17.33 -4.71
N GLU B 266 10.65 -18.40 -5.33
CA GLU B 266 9.77 -19.38 -5.97
C GLU B 266 8.99 -20.21 -4.96
N MET B 267 9.66 -20.64 -3.89
CA MET B 267 9.02 -21.50 -2.90
C MET B 267 8.59 -20.75 -1.64
N SER B 268 7.72 -21.37 -0.87
CA SER B 268 7.23 -20.82 0.39
C SER B 268 8.11 -21.26 1.56
N ALA B 269 8.12 -20.49 2.63
CA ALA B 269 9.00 -20.71 3.78
C ALA B 269 8.76 -22.02 4.52
N GLU B 270 7.48 -22.36 4.67
CA GLU B 270 7.06 -23.49 5.50
C GLU B 270 7.75 -24.80 5.10
N GLN B 271 7.76 -25.07 3.81
CA GLN B 271 8.36 -26.30 3.27
C GLN B 271 9.85 -26.31 3.57
N LEU B 272 10.47 -25.15 3.37
CA LEU B 272 11.90 -24.98 3.58
C LEU B 272 12.25 -25.30 5.03
N ALA B 273 11.36 -24.96 5.95
CA ALA B 273 11.56 -25.33 7.35
C ALA B 273 11.39 -26.84 7.53
N LEU B 274 10.42 -27.39 6.80
CA LEU B 274 10.08 -28.81 6.93
C LEU B 274 11.25 -29.71 6.54
N ARG B 275 12.00 -29.32 5.51
CA ARG B 275 13.17 -30.10 5.09
C ARG B 275 14.24 -30.10 6.18
N ALA B 276 14.44 -28.95 6.79
CA ALA B 276 15.44 -28.79 7.83
C ALA B 276 15.09 -29.67 9.02
N LEU B 277 13.80 -29.71 9.36
CA LEU B 277 13.37 -30.61 10.44
C LEU B 277 13.52 -32.08 10.02
N SER B 278 13.39 -32.33 8.72
CA SER B 278 13.57 -33.66 8.18
C SER B 278 15.02 -34.09 8.36
N ASP B 279 15.91 -33.12 8.39
CA ASP B 279 17.33 -33.39 8.57
C ASP B 279 17.75 -33.44 10.05
N LEU B 280 17.04 -32.69 10.90
CA LEU B 280 17.33 -32.71 12.33
C LEU B 280 16.79 -33.95 13.04
N THR B 281 15.51 -34.22 12.86
CA THR B 281 14.85 -35.30 13.56
C THR B 281 15.17 -36.63 12.91
N SER B 282 15.86 -36.56 11.77
CA SER B 282 16.27 -37.72 11.00
C SER B 282 15.05 -38.53 10.58
N ILE B 283 14.00 -37.82 10.16
CA ILE B 283 12.77 -38.47 9.73
C ILE B 283 12.53 -38.22 8.24
N ASN B 284 12.03 -39.24 7.54
CA ASN B 284 11.73 -39.15 6.13
C ASN B 284 10.69 -38.07 5.82
N MET B 285 10.78 -37.49 4.64
CA MET B 285 9.97 -36.34 4.26
C MET B 285 8.46 -36.61 4.30
N HIS B 286 8.04 -37.74 3.75
CA HIS B 286 6.62 -38.04 3.59
C HIS B 286 5.84 -38.14 4.90
N ASP B 287 6.41 -38.83 5.89
CA ASP B 287 5.75 -39.00 7.17
C ASP B 287 5.56 -37.65 7.85
N LEU B 288 6.55 -36.77 7.68
CA LEU B 288 6.50 -35.43 8.23
C LEU B 288 5.48 -34.56 7.52
N GLU B 289 5.28 -34.83 6.24
CA GLU B 289 4.37 -34.04 5.42
C GLU B 289 2.90 -34.45 5.58
N SER B 290 2.65 -35.74 5.72
CA SER B 290 1.30 -36.27 5.76
C SER B 290 0.55 -35.92 7.05
N GLY B 291 1.23 -36.02 8.18
CA GLY B 291 0.61 -35.69 9.46
C GLY B 291 0.72 -36.73 10.56
N ARG B 292 0.71 -38.01 10.20
CA ARG B 292 0.77 -39.07 11.19
C ARG B 292 2.14 -39.23 11.84
N LEU B 293 2.19 -39.15 13.16
CA LEU B 293 3.43 -39.38 13.91
C LEU B 293 3.16 -40.21 15.15
N ASP B 294 4.03 -41.19 15.38
CA ASP B 294 3.90 -42.05 16.54
C ASP B 294 4.43 -41.36 17.80
N ASP B 295 4.53 -42.11 18.88
CA ASP B 295 4.96 -41.56 20.16
C ASP B 295 6.43 -41.12 20.17
N ASP B 296 7.26 -41.84 19.43
CA ASP B 296 8.71 -41.61 19.47
C ASP B 296 9.22 -40.55 18.51
N GLN B 297 8.46 -40.25 17.45
CA GLN B 297 8.90 -39.30 16.44
C GLN B 297 8.44 -37.87 16.71
N TRP B 298 7.22 -37.73 17.21
CA TRP B 298 6.67 -36.42 17.55
C TRP B 298 7.47 -35.81 18.70
N GLU B 299 8.10 -36.68 19.48
CA GLU B 299 8.90 -36.27 20.63
C GLU B 299 10.21 -35.61 20.19
N ASN B 300 10.93 -36.26 19.30
CA ASN B 300 12.16 -35.69 18.76
C ASN B 300 11.84 -34.47 17.92
N LEU B 301 10.65 -34.50 17.30
CA LEU B 301 10.17 -33.38 16.50
C LEU B 301 10.03 -32.14 17.38
N ALA B 302 9.28 -32.29 18.47
CA ALA B 302 9.06 -31.21 19.40
C ALA B 302 10.37 -30.79 20.08
N LYS B 303 11.30 -31.74 20.18
CA LYS B 303 12.59 -31.46 20.80
C LYS B 303 13.46 -30.58 19.90
N CYS B 304 13.33 -30.74 18.59
CA CYS B 304 14.08 -29.90 17.66
C CYS B 304 13.32 -28.60 17.40
N PHE B 305 12.04 -28.60 17.72
CA PHE B 305 11.15 -27.47 17.42
C PHE B 305 11.58 -26.17 18.07
N ASP B 306 11.59 -26.14 19.41
CA ASP B 306 11.95 -24.92 20.12
C ASP B 306 13.45 -24.68 20.01
N HIS B 307 14.20 -25.75 19.79
CA HIS B 307 15.64 -25.64 19.57
C HIS B 307 15.88 -24.72 18.40
N LEU B 308 15.15 -24.95 17.32
CA LEU B 308 15.25 -24.06 16.16
C LEU B 308 14.52 -22.75 16.39
N SER B 309 13.48 -22.77 17.20
CA SER B 309 12.67 -21.58 17.46
C SER B 309 13.49 -20.48 18.13
N GLN B 310 14.43 -20.88 18.99
CA GLN B 310 15.26 -19.91 19.67
C GLN B 310 16.46 -19.50 18.82
N LYS B 311 16.76 -20.27 17.78
CA LYS B 311 17.86 -19.94 16.88
C LYS B 311 17.52 -18.70 16.06
N LYS B 312 18.55 -17.89 15.78
CA LYS B 312 18.39 -16.65 15.03
C LYS B 312 18.01 -16.89 13.57
N LEU B 313 16.70 -16.93 13.29
CA LEU B 313 16.23 -17.27 11.94
C LEU B 313 15.15 -16.32 11.41
N PHE B 314 15.30 -15.88 10.16
CA PHE B 314 14.39 -14.92 9.54
C PHE B 314 13.89 -15.39 8.17
N PHE B 315 12.66 -15.03 7.81
CA PHE B 315 12.09 -15.51 6.55
C PHE B 315 11.31 -14.47 5.74
N TYR B 316 11.36 -14.64 4.42
CA TYR B 316 10.69 -13.76 3.47
C TYR B 316 10.23 -14.58 2.26
N ASP B 317 8.96 -14.95 2.25
CA ASP B 317 8.44 -15.85 1.23
C ASP B 317 7.78 -15.15 0.04
N LYS B 318 7.93 -13.84 -0.06
CA LYS B 318 7.30 -13.09 -1.15
C LYS B 318 7.95 -13.41 -2.49
N SER B 319 7.12 -13.60 -3.51
CA SER B 319 7.58 -14.05 -4.82
C SER B 319 8.25 -12.98 -5.69
N TYR B 320 9.28 -13.41 -6.42
CA TYR B 320 9.89 -12.65 -7.52
C TYR B 320 10.22 -11.20 -7.14
N VAL B 321 11.05 -11.07 -6.12
CA VAL B 321 11.55 -9.77 -5.65
C VAL B 321 12.66 -9.21 -6.54
N ARG B 322 12.73 -7.88 -6.68
CA ARG B 322 13.76 -7.22 -7.47
C ARG B 322 15.07 -7.08 -6.69
N ILE B 323 16.18 -6.99 -7.42
CA ILE B 323 17.51 -6.90 -6.82
C ILE B 323 17.70 -5.71 -5.85
N GLU B 324 17.16 -4.54 -6.21
CA GLU B 324 17.33 -3.37 -5.36
C GLU B 324 16.54 -3.56 -4.07
N GLN B 325 15.38 -4.18 -4.19
CA GLN B 325 14.55 -4.45 -3.03
C GLN B 325 15.31 -5.37 -2.08
N ILE B 326 16.11 -6.28 -2.65
CA ILE B 326 16.96 -7.17 -1.89
C ILE B 326 18.00 -6.35 -1.14
N ARG B 327 18.69 -5.46 -1.86
CA ARG B 327 19.72 -4.62 -1.25
C ARG B 327 19.15 -3.82 -0.07
N LEU B 328 17.97 -3.23 -0.31
CA LEU B 328 17.29 -2.40 0.68
C LEU B 328 16.87 -3.19 1.92
N GLN B 329 16.24 -4.34 1.69
CA GLN B 329 15.76 -5.17 2.79
C GLN B 329 16.92 -5.71 3.61
N LEU B 330 18.02 -6.02 2.94
CA LEU B 330 19.20 -6.52 3.62
C LEU B 330 19.83 -5.39 4.46
N ARG B 331 19.77 -4.17 3.93
CA ARG B 331 20.23 -3.00 4.68
C ARG B 331 19.39 -2.83 5.93
N LYS B 332 18.09 -3.04 5.75
CA LYS B 332 17.09 -2.90 6.81
C LYS B 332 17.30 -3.91 7.93
N LEU B 333 17.47 -5.18 7.55
CA LEU B 333 17.60 -6.25 8.53
C LEU B 333 18.95 -6.17 9.22
N LYS B 334 19.99 -5.81 8.47
CA LYS B 334 21.30 -5.69 9.08
C LYS B 334 21.29 -4.50 10.05
N SER B 335 20.49 -3.49 9.73
CA SER B 335 20.34 -2.34 10.62
C SER B 335 19.57 -2.77 11.87
N GLN B 336 18.61 -3.66 11.67
CA GLN B 336 17.81 -4.19 12.79
C GLN B 336 18.63 -5.17 13.62
N HIS B 337 19.40 -6.02 12.95
CA HIS B 337 20.18 -7.03 13.64
C HIS B 337 21.64 -7.08 13.20
N LYS B 338 22.52 -6.73 14.13
CA LYS B 338 23.96 -6.71 13.92
C LYS B 338 24.50 -8.14 13.76
N GLU B 339 23.85 -9.08 14.43
CA GLU B 339 24.34 -10.44 14.54
C GLU B 339 24.42 -11.14 13.19
N LEU B 340 23.71 -10.62 12.18
CA LEU B 340 23.64 -11.25 10.87
C LEU B 340 25.02 -11.37 10.22
N GLY B 341 25.44 -12.61 9.97
CA GLY B 341 26.76 -12.86 9.42
C GLY B 341 26.76 -13.54 8.05
N ILE B 342 25.59 -13.99 7.60
CA ILE B 342 25.51 -14.70 6.33
C ILE B 342 24.11 -14.60 5.72
N ALA B 343 24.02 -14.78 4.40
CA ALA B 343 22.75 -14.68 3.69
C ALA B 343 22.60 -15.75 2.62
N PHE B 344 21.35 -16.16 2.37
CA PHE B 344 21.05 -17.19 1.39
C PHE B 344 19.81 -16.84 0.55
N ILE B 345 19.84 -17.20 -0.73
CA ILE B 345 18.73 -16.92 -1.64
C ILE B 345 18.43 -18.14 -2.51
N ASP B 346 17.15 -18.48 -2.65
CA ASP B 346 16.72 -19.61 -3.47
C ASP B 346 15.38 -19.30 -4.15
N TYR B 347 15.40 -19.15 -5.48
CA TYR B 347 16.60 -19.23 -6.28
C TYR B 347 16.51 -18.26 -7.46
N LEU B 348 17.58 -18.17 -8.25
CA LEU B 348 17.65 -17.16 -9.29
C LEU B 348 17.02 -17.61 -10.61
N GLN B 349 16.25 -16.70 -11.19
CA GLN B 349 15.52 -16.94 -12.41
C GLN B 349 16.17 -16.31 -13.65
N LEU B 350 16.01 -16.96 -14.80
CA LEU B 350 16.63 -16.50 -16.05
C LEU B 350 15.75 -15.51 -16.79
N MET B 351 16.30 -14.35 -17.11
CA MET B 351 15.59 -13.36 -17.91
C MET B 351 16.41 -12.98 -19.14
N GLN B 363 19.80 -9.03 -16.80
CA GLN B 363 20.92 -9.91 -17.12
C GLN B 363 21.64 -10.39 -15.85
N ILE B 364 22.22 -11.58 -15.93
CA ILE B 364 22.80 -12.24 -14.76
C ILE B 364 24.09 -11.57 -14.25
N ALA B 365 24.80 -10.92 -15.16
CA ALA B 365 26.06 -10.26 -14.83
C ALA B 365 25.86 -9.12 -13.83
N GLU B 366 24.82 -8.32 -14.06
CA GLU B 366 24.57 -7.17 -13.20
C GLU B 366 23.97 -7.59 -11.87
N ILE B 367 23.22 -8.69 -11.87
CA ILE B 367 22.66 -9.25 -10.65
C ILE B 367 23.82 -9.69 -9.76
N SER B 368 24.73 -10.45 -10.36
CA SER B 368 25.91 -10.94 -9.65
C SER B 368 26.79 -9.79 -9.19
N ARG B 369 26.78 -8.70 -9.95
CA ARG B 369 27.61 -7.54 -9.64
C ARG B 369 27.11 -6.79 -8.42
N GLU B 370 25.82 -6.46 -8.43
CA GLU B 370 25.22 -5.74 -7.32
C GLU B 370 25.23 -6.61 -6.08
N LEU B 371 25.17 -7.93 -6.28
CA LEU B 371 25.21 -8.86 -5.16
C LEU B 371 26.61 -8.94 -4.56
N LYS B 372 27.65 -8.87 -5.39
CA LYS B 372 29.02 -8.80 -4.87
C LYS B 372 29.21 -7.48 -4.14
N THR B 373 28.60 -6.43 -4.70
CA THR B 373 28.65 -5.09 -4.13
C THR B 373 28.12 -5.14 -2.71
N LEU B 374 26.93 -5.70 -2.56
CA LEU B 374 26.28 -5.83 -1.26
C LEU B 374 27.04 -6.80 -0.35
N ALA B 375 27.71 -7.77 -0.96
CA ALA B 375 28.50 -8.72 -0.21
C ALA B 375 29.62 -8.02 0.53
N ARG B 376 30.36 -7.17 -0.17
CA ARG B 376 31.42 -6.41 0.48
C ARG B 376 30.88 -5.27 1.32
N GLU B 377 29.69 -4.80 0.96
CA GLU B 377 29.06 -3.68 1.65
C GLU B 377 28.66 -4.10 3.06
N LEU B 378 27.93 -5.20 3.16
CA LEU B 378 27.49 -5.70 4.46
C LEU B 378 28.54 -6.64 5.05
N GLU B 379 29.65 -6.77 4.35
CA GLU B 379 30.80 -7.54 4.82
C GLU B 379 30.46 -8.97 5.20
N ILE B 380 29.52 -9.58 4.47
CA ILE B 380 29.15 -10.96 4.75
C ILE B 380 29.05 -11.77 3.46
N PRO B 381 29.46 -13.06 3.51
CA PRO B 381 29.40 -13.89 2.32
C PRO B 381 27.98 -14.27 1.95
N ILE B 382 27.61 -14.06 0.69
CA ILE B 382 26.23 -14.30 0.24
C ILE B 382 26.17 -15.51 -0.68
N ILE B 383 25.20 -16.39 -0.43
CA ILE B 383 25.04 -17.61 -1.21
C ILE B 383 23.69 -17.67 -1.91
N ALA B 384 23.72 -17.80 -3.24
CA ALA B 384 22.49 -17.86 -4.03
C ALA B 384 22.43 -19.14 -4.86
N LEU B 385 21.22 -19.67 -5.06
CA LEU B 385 21.05 -20.86 -5.88
C LEU B 385 20.62 -20.50 -7.31
N VAL B 386 21.20 -21.20 -8.28
CA VAL B 386 20.88 -20.97 -9.69
C VAL B 386 20.45 -22.29 -10.34
N GLN B 387 19.42 -22.22 -11.18
CA GLN B 387 18.96 -23.39 -11.91
C GLN B 387 19.48 -23.32 -13.35
N LEU B 388 20.43 -24.21 -13.66
CA LEU B 388 21.14 -24.19 -14.94
C LEU B 388 20.25 -24.50 -16.14
N ASN B 389 20.69 -24.08 -17.32
CA ASN B 389 19.97 -24.31 -18.56
C ASN B 389 19.95 -25.78 -18.95
N ARG B 390 18.98 -26.17 -19.76
CA ARG B 390 18.79 -27.56 -20.16
C ARG B 390 19.86 -28.04 -21.12
N SER B 391 20.62 -27.11 -21.70
CA SER B 391 21.67 -27.45 -22.65
C SER B 391 22.79 -28.28 -22.02
N LEU B 392 22.76 -28.40 -20.69
CA LEU B 392 23.71 -29.19 -19.95
C LEU B 392 23.59 -30.68 -20.27
N GLU B 393 22.34 -31.13 -20.41
CA GLU B 393 22.04 -32.55 -20.61
C GLU B 393 22.14 -33.00 -22.06
N ASN B 394 22.20 -32.04 -22.99
CA ASN B 394 22.40 -32.35 -24.40
C ASN B 394 23.81 -32.91 -24.61
N ARG B 395 24.70 -32.57 -23.70
CA ARG B 395 26.11 -32.97 -23.76
C ARG B 395 26.30 -34.42 -23.34
N ASP B 396 27.34 -35.05 -23.89
CA ASP B 396 27.62 -36.46 -23.62
C ASP B 396 28.00 -36.68 -22.15
N ASP B 397 28.99 -35.94 -21.67
CA ASP B 397 29.34 -35.98 -20.26
C ASP B 397 28.45 -35.01 -19.49
N LYS B 398 27.47 -35.56 -18.79
CA LYS B 398 26.46 -34.77 -18.11
C LYS B 398 26.95 -34.17 -16.80
N ARG B 399 28.27 -34.02 -16.67
CA ARG B 399 28.85 -33.32 -15.52
C ARG B 399 28.79 -31.81 -15.73
N PRO B 400 28.31 -31.10 -14.70
CA PRO B 400 28.09 -29.64 -14.77
C PRO B 400 29.40 -28.87 -14.91
N ILE B 401 29.42 -27.90 -15.81
CA ILE B 401 30.60 -27.06 -16.01
C ILE B 401 30.25 -25.59 -15.80
N LEU B 402 31.28 -24.77 -15.59
CA LEU B 402 31.11 -23.37 -15.22
C LEU B 402 30.28 -22.55 -16.22
N SER B 403 30.35 -22.90 -17.49
CA SER B 403 29.73 -22.09 -18.55
C SER B 403 28.30 -22.51 -18.93
N ASP B 404 27.76 -23.54 -18.27
CA ASP B 404 26.46 -24.08 -18.68
C ASP B 404 25.25 -23.15 -18.56
N ILE B 405 25.30 -22.15 -17.69
CA ILE B 405 24.13 -21.29 -17.54
C ILE B 405 24.20 -20.05 -18.45
N LYS B 406 23.99 -20.27 -19.74
CA LYS B 406 23.98 -19.19 -20.73
C LYS B 406 22.57 -18.83 -21.15
N GLY B 409 22.16 -12.90 -22.60
CA GLY B 409 22.73 -11.58 -22.43
C GLY B 409 24.05 -11.61 -21.69
N GLY B 410 24.80 -12.70 -21.88
CA GLY B 410 26.12 -12.84 -21.28
C GLY B 410 26.19 -13.92 -20.22
N ILE B 411 27.42 -14.31 -19.88
CA ILE B 411 27.66 -15.32 -18.85
C ILE B 411 28.09 -14.71 -17.51
N GLU B 412 27.59 -15.28 -16.42
CA GLU B 412 27.89 -14.81 -15.07
C GLU B 412 29.36 -14.98 -14.71
N GLN B 413 29.97 -13.95 -14.13
CA GLN B 413 31.40 -14.00 -13.81
C GLN B 413 31.73 -13.59 -12.36
N ASP B 414 30.91 -12.69 -11.81
CA ASP B 414 31.20 -12.06 -10.51
C ASP B 414 31.38 -13.00 -9.33
N ALA B 415 30.87 -14.22 -9.43
CA ALA B 415 30.91 -15.15 -8.30
C ALA B 415 32.34 -15.57 -7.97
N ASP B 416 32.69 -15.49 -6.68
CA ASP B 416 34.02 -15.89 -6.23
C ASP B 416 34.16 -17.41 -6.21
N ILE B 417 33.20 -18.07 -5.57
CA ILE B 417 33.22 -19.53 -5.46
C ILE B 417 31.95 -20.14 -6.07
N VAL B 418 32.14 -21.12 -6.96
CA VAL B 418 31.03 -21.78 -7.64
C VAL B 418 31.00 -23.29 -7.37
N LEU B 419 29.84 -23.79 -6.92
CA LEU B 419 29.69 -25.20 -6.61
C LEU B 419 28.61 -25.88 -7.45
N PHE B 420 28.90 -27.10 -7.90
CA PHE B 420 27.97 -27.88 -8.72
C PHE B 420 27.54 -29.17 -8.02
N LEU B 421 26.27 -29.51 -8.15
CA LEU B 421 25.75 -30.77 -7.63
C LEU B 421 25.64 -31.80 -8.75
N TYR B 422 26.29 -32.95 -8.56
CA TYR B 422 26.27 -34.01 -9.56
C TYR B 422 25.96 -35.35 -8.91
N ARG B 423 24.91 -36.03 -9.37
CA ARG B 423 24.58 -37.35 -8.86
C ARG B 423 24.99 -38.42 -9.88
N GLY B 424 25.98 -39.23 -9.51
CA GLY B 424 26.57 -40.21 -10.41
C GLY B 424 25.65 -41.34 -10.83
N TYR B 425 24.60 -41.58 -10.07
CA TYR B 425 23.71 -42.71 -10.33
C TYR B 425 22.61 -42.32 -11.32
N ILE B 426 22.13 -41.09 -11.21
CA ILE B 426 21.00 -40.63 -12.02
C ILE B 426 21.32 -40.58 -13.52
N TYR B 427 22.59 -40.38 -13.85
CA TYR B 427 22.99 -40.33 -15.26
C TYR B 427 23.52 -41.67 -15.75
N GLN B 428 23.82 -42.56 -14.81
CA GLN B 428 24.24 -43.92 -15.11
C GLN B 428 23.01 -44.69 -15.56
N MET B 429 21.89 -44.36 -14.94
CA MET B 429 20.61 -44.98 -15.18
C MET B 429 20.15 -44.76 -16.62
N ARG B 430 20.35 -43.53 -17.10
CA ARG B 430 19.93 -43.16 -18.45
C ARG B 430 20.81 -43.83 -19.50
N ALA B 431 22.09 -44.01 -19.18
CA ALA B 431 23.01 -44.70 -20.06
C ALA B 431 22.65 -46.18 -20.14
N GLU B 432 22.21 -46.74 -19.01
CA GLU B 432 21.80 -48.14 -18.98
C GLU B 432 20.51 -48.33 -19.79
N ASP B 433 19.61 -47.35 -19.69
CA ASP B 433 18.39 -47.36 -20.49
C ASP B 433 18.71 -47.30 -21.98
N ASN B 434 19.60 -46.39 -22.36
CA ASN B 434 20.04 -46.27 -23.74
C ASN B 434 20.66 -47.56 -24.26
N LYS B 435 21.42 -48.23 -23.40
CA LYS B 435 22.05 -49.49 -23.80
C LYS B 435 21.01 -50.59 -23.97
N ILE B 436 19.99 -50.59 -23.12
CA ILE B 436 18.87 -51.52 -23.26
C ILE B 436 18.15 -51.32 -24.59
N ASP B 437 17.82 -50.05 -24.88
CA ASP B 437 17.22 -49.69 -26.16
C ASP B 437 18.09 -50.11 -27.32
N LYS B 438 19.41 -50.09 -27.10
CA LYS B 438 20.35 -50.50 -28.13
C LYS B 438 20.38 -52.01 -28.29
N LEU B 439 20.05 -52.73 -27.23
CA LEU B 439 20.05 -54.19 -27.27
C LEU B 439 18.75 -54.75 -27.84
N LYS B 440 17.65 -54.06 -27.64
CA LYS B 440 16.40 -54.42 -28.30
C LYS B 440 16.56 -54.26 -29.81
N LYS B 441 17.41 -53.29 -30.19
CA LYS B 441 17.68 -53.01 -31.60
C LYS B 441 19.04 -53.59 -32.00
N GLU B 442 19.47 -54.63 -31.28
CA GLU B 442 20.68 -55.37 -31.63
C GLU B 442 20.73 -56.71 -30.90
N GLU B 457 14.50 -54.04 -9.40
CA GLU B 457 15.21 -54.93 -8.47
C GLU B 457 16.41 -54.25 -7.84
N GLU B 458 17.11 -53.43 -8.62
CA GLU B 458 18.31 -52.76 -8.15
C GLU B 458 17.93 -51.74 -7.07
N ARG B 459 16.74 -51.18 -7.23
CA ARG B 459 16.25 -50.13 -6.33
C ARG B 459 15.96 -50.68 -4.94
N ARG B 460 15.38 -51.87 -4.89
CA ARG B 460 15.03 -52.50 -3.61
C ARG B 460 16.29 -52.89 -2.85
N ILE B 461 17.32 -53.29 -3.60
CA ILE B 461 18.61 -53.61 -3.02
C ILE B 461 19.17 -52.33 -2.41
N HIS B 462 19.05 -51.24 -3.17
CA HIS B 462 19.51 -49.92 -2.74
C HIS B 462 18.84 -49.51 -1.43
N LYS B 463 17.53 -49.73 -1.36
CA LYS B 463 16.74 -49.43 -0.18
C LYS B 463 17.17 -50.28 1.00
N GLN B 464 17.53 -51.54 0.73
CA GLN B 464 17.92 -52.47 1.78
C GLN B 464 19.33 -52.18 2.30
N ASN B 465 20.16 -51.58 1.45
CA ASN B 465 21.53 -51.22 1.85
C ASN B 465 21.51 -50.10 2.90
N GLY B 466 20.54 -49.20 2.74
CA GLY B 466 20.40 -48.04 3.62
C GLY B 466 20.12 -46.79 2.80
N SER B 467 19.82 -47.01 1.52
CA SER B 467 19.47 -45.96 0.56
C SER B 467 20.58 -44.92 0.41
N ILE B 468 21.83 -45.39 0.35
CA ILE B 468 22.98 -44.52 0.14
C ILE B 468 23.54 -44.62 -1.28
N GLU B 469 23.66 -43.48 -1.96
CA GLU B 469 24.13 -43.41 -3.33
C GLU B 469 25.34 -42.48 -3.41
N GLU B 470 26.21 -42.66 -4.40
CA GLU B 470 27.38 -41.80 -4.54
C GLU B 470 27.06 -40.47 -5.21
N ALA B 471 27.43 -39.38 -4.54
CA ALA B 471 27.21 -38.03 -5.07
C ALA B 471 28.52 -37.24 -5.10
N GLU B 472 28.64 -36.32 -6.07
CA GLU B 472 29.81 -35.47 -6.16
C GLU B 472 29.45 -33.99 -6.08
N ILE B 473 30.15 -33.26 -5.22
CA ILE B 473 30.00 -31.80 -5.14
C ILE B 473 31.20 -31.13 -5.81
N ILE B 474 31.06 -30.79 -7.09
CA ILE B 474 32.15 -30.20 -7.85
C ILE B 474 32.50 -28.78 -7.38
N VAL B 475 33.75 -28.63 -6.95
CA VAL B 475 34.31 -27.33 -6.61
C VAL B 475 35.08 -26.83 -7.83
N ALA B 476 34.32 -26.34 -8.81
CA ALA B 476 34.90 -25.85 -10.07
C ALA B 476 35.58 -24.50 -9.94
N LYS B 477 35.02 -23.61 -9.12
CA LYS B 477 35.60 -22.28 -8.97
C LYS B 477 35.91 -21.90 -7.54
N ASN B 478 37.15 -21.48 -7.33
CA ASN B 478 37.64 -21.05 -6.03
C ASN B 478 38.68 -19.97 -6.26
N ARG B 479 38.30 -18.71 -6.03
CA ARG B 479 39.18 -17.59 -6.33
C ARG B 479 40.41 -17.60 -5.44
N ASN B 480 41.58 -17.69 -6.08
CA ASN B 480 42.86 -17.75 -5.38
C ASN B 480 42.89 -18.90 -4.39
N GLY B 481 42.43 -20.06 -4.83
CA GLY B 481 42.37 -21.25 -4.01
C GLY B 481 42.54 -22.50 -4.86
N ALA B 482 41.93 -23.60 -4.44
CA ALA B 482 42.11 -24.86 -5.16
C ALA B 482 40.84 -25.31 -5.88
N THR B 483 41.03 -25.94 -7.03
CA THR B 483 39.93 -26.44 -7.84
C THR B 483 39.89 -27.96 -7.80
N GLY B 484 38.75 -28.53 -7.41
CA GLY B 484 38.69 -29.98 -7.24
C GLY B 484 37.29 -30.54 -7.14
N THR B 485 37.20 -31.83 -6.87
CA THR B 485 35.91 -32.49 -6.71
C THR B 485 35.89 -33.30 -5.42
N VAL B 486 34.80 -33.21 -4.68
CA VAL B 486 34.67 -33.97 -3.44
C VAL B 486 33.51 -34.95 -3.52
N TYR B 487 33.78 -36.19 -3.08
CA TYR B 487 32.78 -37.24 -3.07
C TYR B 487 32.06 -37.27 -1.72
N THR B 488 30.73 -37.25 -1.77
CA THR B 488 29.91 -37.34 -0.58
C THR B 488 28.77 -38.32 -0.79
N ARG B 489 28.45 -39.06 0.27
CA ARG B 489 27.34 -40.01 0.24
C ARG B 489 26.00 -39.28 0.35
N PHE B 490 25.11 -39.54 -0.60
CA PHE B 490 23.78 -38.95 -0.56
C PHE B 490 22.73 -39.98 -0.14
N ASN B 491 21.86 -39.56 0.77
CA ASN B 491 20.73 -40.36 1.22
C ASN B 491 19.47 -39.87 0.52
N ALA B 492 18.89 -40.74 -0.29
CA ALA B 492 17.73 -40.41 -1.13
C ALA B 492 16.44 -40.06 -0.37
N PRO B 493 16.04 -40.87 0.63
CA PRO B 493 14.72 -40.57 1.20
C PRO B 493 14.70 -39.28 2.00
N PHE B 494 15.73 -39.07 2.81
CA PHE B 494 15.85 -37.86 3.62
C PHE B 494 16.33 -36.70 2.75
N THR B 495 16.78 -37.03 1.55
CA THR B 495 17.36 -36.07 0.60
C THR B 495 18.47 -35.28 1.29
N ARG B 496 19.38 -36.02 1.92
CA ARG B 496 20.41 -35.37 2.74
C ARG B 496 21.81 -35.85 2.37
N TYR B 497 22.79 -34.97 2.47
CA TYR B 497 24.16 -35.35 2.15
C TYR B 497 24.97 -35.64 3.41
N GLU B 498 25.26 -36.92 3.64
CA GLU B 498 26.02 -37.37 4.79
C GLU B 498 27.47 -36.94 4.73
N ASP B 499 28.00 -36.45 5.85
CA ASP B 499 29.37 -35.98 5.93
C ASP B 499 30.34 -37.10 6.31
N MET B 500 31.49 -37.11 5.64
CA MET B 500 32.55 -38.07 5.95
C MET B 500 33.86 -37.69 5.26
N ILE C 29 -28.38 25.34 -6.69
CA ILE C 29 -28.35 24.54 -5.48
C ILE C 29 -28.27 23.05 -5.79
N ASP C 30 -27.89 22.26 -4.80
CA ASP C 30 -27.75 20.82 -4.98
C ASP C 30 -29.09 20.11 -4.92
N PRO C 31 -30.04 20.72 -4.21
CA PRO C 31 -31.36 20.12 -4.00
C PRO C 31 -32.24 20.20 -5.25
N PHE C 32 -32.81 19.07 -5.63
CA PHE C 32 -33.75 19.00 -6.75
C PHE C 32 -35.02 18.29 -6.32
N THR C 33 -36.11 19.05 -6.19
CA THR C 33 -37.36 18.51 -5.65
C THR C 33 -38.50 18.51 -6.66
N MET C 34 -38.16 18.46 -7.95
CA MET C 34 -39.14 18.37 -9.03
C MET C 34 -40.08 19.58 -9.07
N ASP C 35 -39.75 20.62 -8.32
CA ASP C 35 -40.58 21.82 -8.28
C ASP C 35 -39.75 23.08 -8.05
N HIS C 36 -40.44 24.20 -7.83
CA HIS C 36 -39.85 25.54 -7.72
C HIS C 36 -39.22 26.06 -9.03
N LEU C 37 -38.71 25.14 -9.86
CA LEU C 37 -38.11 25.49 -11.14
C LEU C 37 -39.16 26.02 -12.11
N LYS C 38 -40.36 25.45 -12.02
CA LYS C 38 -41.47 25.83 -12.88
C LYS C 38 -41.88 27.27 -12.58
N HIS C 39 -41.61 27.70 -11.36
CA HIS C 39 -41.89 29.06 -10.94
C HIS C 39 -41.00 29.99 -11.75
N LEU C 40 -39.75 29.56 -11.92
CA LEU C 40 -38.75 30.31 -12.68
C LEU C 40 -39.15 30.38 -14.15
N GLN C 41 -39.55 29.22 -14.69
CA GLN C 41 -40.00 29.14 -16.08
C GLN C 41 -41.16 30.11 -16.26
N GLN C 42 -42.01 30.19 -15.24
CA GLN C 42 -43.14 31.10 -15.25
C GLN C 42 -42.67 32.56 -15.28
N LEU C 43 -41.73 32.91 -14.41
CA LEU C 43 -41.32 34.30 -14.27
C LEU C 43 -40.64 34.84 -15.52
N GLN C 44 -39.85 33.99 -16.19
CA GLN C 44 -39.24 34.42 -17.45
C GLN C 44 -40.32 34.87 -18.42
N ASN C 45 -41.29 33.97 -18.61
CA ASN C 45 -42.40 34.19 -19.52
C ASN C 45 -43.17 35.45 -19.15
N ILE C 46 -43.38 35.66 -17.85
CA ILE C 46 -44.10 36.83 -17.38
C ILE C 46 -43.35 38.10 -17.78
N GLU C 47 -42.05 38.15 -17.52
CA GLU C 47 -41.25 39.30 -17.92
C GLU C 47 -41.38 39.54 -19.42
N ARG C 48 -41.34 38.46 -20.18
CA ARG C 48 -41.43 38.52 -21.65
C ARG C 48 -42.71 39.22 -22.09
N ILE C 49 -43.84 38.70 -21.59
CA ILE C 49 -45.16 39.21 -21.97
C ILE C 49 -45.30 40.67 -21.56
N VAL C 50 -44.87 40.95 -20.33
CA VAL C 50 -44.89 42.31 -19.79
C VAL C 50 -44.21 43.25 -20.77
N LEU C 51 -43.02 42.86 -21.23
CA LEU C 51 -42.28 43.69 -22.16
C LEU C 51 -43.03 43.83 -23.49
N SER C 52 -43.66 42.74 -23.92
CA SER C 52 -44.37 42.70 -25.19
C SER C 52 -45.53 43.70 -25.24
N GLY C 53 -46.29 43.76 -24.15
CA GLY C 53 -47.44 44.64 -24.10
C GLY C 53 -47.04 46.09 -24.25
N ILE C 54 -45.91 46.44 -23.66
CA ILE C 54 -45.38 47.80 -23.76
C ILE C 54 -44.85 48.04 -25.17
N VAL C 55 -44.30 46.99 -25.79
CA VAL C 55 -43.89 47.11 -27.19
C VAL C 55 -45.12 47.55 -27.99
N LEU C 56 -46.24 46.88 -27.75
CA LEU C 56 -47.51 47.24 -28.38
C LEU C 56 -48.04 48.58 -27.87
N ALA C 57 -48.05 48.75 -26.54
CA ALA C 57 -48.54 49.99 -25.94
C ALA C 57 -47.39 50.77 -25.30
N ASN C 58 -46.91 51.77 -26.03
CA ASN C 58 -45.76 52.56 -25.60
C ASN C 58 -45.98 53.27 -24.27
N HIS C 59 -47.22 53.67 -24.01
CA HIS C 59 -47.56 54.49 -22.85
C HIS C 59 -47.46 53.77 -21.50
N LYS C 60 -47.64 52.45 -21.51
CA LYS C 60 -47.69 51.66 -20.27
C LYS C 60 -46.36 51.70 -19.50
N ILE C 61 -45.31 52.14 -20.18
CA ILE C 61 -43.98 52.19 -19.60
C ILE C 61 -43.97 53.00 -18.29
N GLU C 62 -44.79 54.04 -18.22
CA GLU C 62 -44.85 54.86 -17.00
C GLU C 62 -45.35 54.06 -15.80
N GLU C 63 -46.46 53.36 -15.98
CA GLU C 63 -47.05 52.60 -14.88
C GLU C 63 -46.18 51.40 -14.54
N VAL C 64 -45.40 50.92 -15.51
CA VAL C 64 -44.45 49.85 -15.22
C VAL C 64 -43.27 50.37 -14.40
N HIS C 65 -42.62 51.40 -14.91
CA HIS C 65 -41.46 52.03 -14.26
C HIS C 65 -41.80 52.49 -12.85
N SER C 66 -43.05 52.93 -12.66
CA SER C 66 -43.51 53.34 -11.34
C SER C 66 -43.40 52.20 -10.33
N VAL C 67 -43.43 50.98 -10.86
CA VAL C 67 -43.30 49.79 -10.02
C VAL C 67 -41.95 49.13 -10.18
N LEU C 68 -41.64 48.72 -11.41
CA LEU C 68 -40.43 47.92 -11.66
C LEU C 68 -39.23 48.74 -12.10
N GLU C 69 -38.05 48.20 -11.83
CA GLU C 69 -36.78 48.81 -12.22
C GLU C 69 -35.96 47.79 -13.01
N PRO C 70 -34.91 48.25 -13.73
CA PRO C 70 -34.15 47.29 -14.54
C PRO C 70 -33.51 46.19 -13.69
N SER C 71 -33.09 46.54 -12.48
CA SER C 71 -32.45 45.58 -11.58
C SER C 71 -33.46 44.57 -11.02
N ASP C 72 -34.74 44.91 -11.14
CA ASP C 72 -35.81 44.12 -10.54
C ASP C 72 -36.10 42.87 -11.37
N PHE C 73 -35.54 42.84 -12.57
CA PHE C 73 -35.76 41.72 -13.48
C PHE C 73 -34.85 40.57 -13.09
N TYR C 74 -35.37 39.35 -13.21
CA TYR C 74 -34.54 38.20 -12.96
C TYR C 74 -33.66 37.99 -14.17
N TYR C 75 -34.29 37.86 -15.33
CA TYR C 75 -33.57 37.64 -16.56
C TYR C 75 -32.90 38.94 -17.00
N PRO C 76 -31.55 38.96 -16.99
CA PRO C 76 -30.76 40.14 -17.31
C PRO C 76 -31.11 40.80 -18.66
N PRO C 77 -31.27 40.03 -19.75
CA PRO C 77 -31.65 40.72 -20.99
C PRO C 77 -32.97 41.47 -20.88
N ASN C 78 -33.88 40.95 -20.06
CA ASN C 78 -35.17 41.61 -19.85
C ASN C 78 -34.98 42.94 -19.12
N GLY C 79 -34.09 42.94 -18.13
CA GLY C 79 -33.80 44.14 -17.36
C GLY C 79 -33.15 45.21 -18.22
N LEU C 80 -32.20 44.78 -19.04
CA LEU C 80 -31.49 45.70 -19.93
C LEU C 80 -32.48 46.26 -20.95
N PHE C 81 -33.34 45.36 -21.43
CA PHE C 81 -34.40 45.66 -22.38
C PHE C 81 -35.25 46.79 -21.81
N PHE C 82 -35.57 46.64 -20.53
CA PHE C 82 -36.36 47.60 -19.78
C PHE C 82 -35.64 48.95 -19.69
N GLU C 83 -34.33 48.88 -19.44
CA GLU C 83 -33.51 50.08 -19.29
C GLU C 83 -33.56 50.91 -20.58
N ILE C 84 -33.34 50.22 -21.69
CA ILE C 84 -33.35 50.86 -23.00
C ILE C 84 -34.74 51.43 -23.28
N ALA C 85 -35.76 50.66 -22.96
CA ALA C 85 -37.14 51.11 -23.14
C ALA C 85 -37.38 52.43 -22.41
N LEU C 86 -36.86 52.51 -21.19
CA LEU C 86 -37.01 53.72 -20.38
C LEU C 86 -36.34 54.91 -21.05
N LYS C 87 -35.08 54.70 -21.43
CA LYS C 87 -34.31 55.78 -22.04
C LYS C 87 -34.94 56.24 -23.35
N LEU C 88 -35.64 55.33 -24.01
CA LEU C 88 -36.35 55.67 -25.24
C LEU C 88 -37.60 56.48 -24.96
N HIS C 89 -38.35 56.10 -23.92
CA HIS C 89 -39.58 56.83 -23.61
C HIS C 89 -39.28 58.24 -23.12
N GLU C 90 -38.19 58.40 -22.37
CA GLU C 90 -37.84 59.70 -21.82
C GLU C 90 -37.54 60.73 -22.90
N GLU C 91 -37.09 60.26 -24.07
CA GLU C 91 -36.82 61.14 -25.19
C GLU C 91 -37.98 61.10 -26.18
N ASP C 92 -39.13 60.63 -25.70
CA ASP C 92 -40.36 60.53 -26.48
C ASP C 92 -40.14 59.77 -27.79
N CYS C 93 -39.57 58.57 -27.68
CA CYS C 93 -39.40 57.71 -28.85
C CYS C 93 -40.14 56.39 -28.66
N PRO C 94 -40.94 56.02 -29.68
CA PRO C 94 -41.79 54.82 -29.64
C PRO C 94 -40.96 53.55 -29.50
N ILE C 95 -41.61 52.45 -29.10
CA ILE C 95 -40.90 51.22 -28.78
C ILE C 95 -41.18 50.07 -29.74
N ASP C 96 -40.11 49.61 -30.40
CA ASP C 96 -40.19 48.46 -31.30
C ASP C 96 -38.82 47.80 -31.46
N GLU C 97 -38.75 46.79 -32.31
CA GLU C 97 -37.52 46.04 -32.55
C GLU C 97 -36.36 46.98 -32.91
N ASN C 98 -36.57 47.75 -33.96
CA ASN C 98 -35.55 48.63 -34.53
C ASN C 98 -34.89 49.58 -33.53
N PHE C 99 -35.71 50.33 -32.81
CA PHE C 99 -35.22 51.32 -31.86
C PHE C 99 -34.25 50.67 -30.88
N ILE C 100 -34.66 49.54 -30.33
CA ILE C 100 -33.85 48.79 -29.38
C ILE C 100 -32.56 48.34 -30.04
N ARG C 101 -32.71 47.80 -31.25
CA ARG C 101 -31.61 47.24 -32.01
C ARG C 101 -30.49 48.25 -32.28
N GLN C 102 -30.85 49.51 -32.52
CA GLN C 102 -29.81 50.52 -32.72
C GLN C 102 -29.34 51.12 -31.41
N LYS C 103 -30.28 51.39 -30.51
CA LYS C 103 -29.95 52.06 -29.25
C LYS C 103 -29.40 51.07 -28.23
N MET C 104 -28.52 50.19 -28.69
CA MET C 104 -27.82 49.27 -27.82
C MET C 104 -26.79 50.02 -26.99
N PRO C 105 -26.70 49.70 -25.69
CA PRO C 105 -25.76 50.39 -24.80
C PRO C 105 -24.30 50.08 -25.13
N LYS C 106 -24.07 49.12 -26.03
CA LYS C 106 -22.75 48.71 -26.52
C LYS C 106 -21.78 48.32 -25.41
N ASP C 107 -22.26 48.33 -24.17
CA ASP C 107 -21.51 47.87 -23.02
C ASP C 107 -21.85 46.40 -22.84
N LYS C 108 -23.12 46.08 -23.12
CA LYS C 108 -23.59 44.72 -23.15
C LYS C 108 -24.60 44.61 -24.29
N GLN C 109 -24.56 43.51 -25.02
CA GLN C 109 -25.49 43.34 -26.14
C GLN C 109 -26.37 42.12 -25.87
N ILE C 110 -27.63 42.21 -26.27
CA ILE C 110 -28.60 41.14 -26.00
C ILE C 110 -28.52 40.00 -27.03
N LYS C 111 -28.54 38.77 -26.54
CA LYS C 111 -28.62 37.59 -27.39
C LYS C 111 -29.91 37.64 -28.21
N GLU C 112 -29.82 37.27 -29.48
CA GLU C 112 -30.94 37.38 -30.40
C GLU C 112 -32.17 36.60 -29.95
N GLU C 113 -31.95 35.44 -29.34
CA GLU C 113 -33.05 34.58 -28.89
C GLU C 113 -33.97 35.32 -27.91
N ASP C 114 -33.36 35.90 -26.88
CA ASP C 114 -34.07 36.62 -25.84
C ASP C 114 -34.80 37.78 -26.48
N LEU C 115 -34.11 38.45 -27.41
CA LEU C 115 -34.64 39.61 -28.09
C LEU C 115 -35.95 39.29 -28.80
N VAL C 116 -35.87 38.37 -29.76
CA VAL C 116 -37.01 37.99 -30.57
C VAL C 116 -38.14 37.39 -29.73
N ALA C 117 -37.76 36.54 -28.77
CA ALA C 117 -38.76 35.85 -27.93
C ALA C 117 -39.72 36.81 -27.25
N ILE C 118 -39.21 37.99 -26.88
CA ILE C 118 -40.03 39.02 -26.24
C ILE C 118 -41.14 39.52 -27.18
N PHE C 119 -40.77 39.82 -28.42
CA PHE C 119 -41.73 40.29 -29.40
C PHE C 119 -42.70 39.15 -29.75
N ALA C 120 -42.19 37.94 -29.65
CA ALA C 120 -42.96 36.73 -29.97
C ALA C 120 -44.04 36.49 -28.93
N ALA C 121 -43.83 37.00 -27.73
CA ALA C 121 -44.71 36.75 -26.60
C ALA C 121 -46.13 37.21 -26.89
N SER C 122 -47.10 36.44 -26.39
CA SER C 122 -48.50 36.79 -26.54
C SER C 122 -48.87 37.99 -25.68
N PRO C 123 -49.20 39.12 -26.31
CA PRO C 123 -49.53 40.34 -25.56
C PRO C 123 -50.95 40.32 -25.02
N ILE C 124 -51.09 40.47 -23.70
CA ILE C 124 -52.39 40.45 -23.06
C ILE C 124 -52.70 41.80 -22.39
N ASP C 125 -53.91 42.30 -22.62
CA ASP C 125 -54.36 43.56 -22.03
C ASP C 125 -54.41 43.45 -20.50
N ASN C 126 -54.35 44.61 -19.83
CA ASN C 126 -54.36 44.67 -18.37
C ASN C 126 -53.28 43.82 -17.72
N ILE C 127 -52.04 44.32 -17.74
CA ILE C 127 -50.90 43.58 -17.23
C ILE C 127 -50.52 43.96 -15.79
N GLU C 128 -51.25 44.90 -15.20
CA GLU C 128 -50.92 45.38 -13.85
C GLU C 128 -50.86 44.26 -12.81
N ALA C 129 -51.56 43.16 -13.08
CA ALA C 129 -51.50 42.00 -12.19
C ALA C 129 -50.16 41.30 -12.36
N TYR C 130 -49.69 41.22 -13.61
CA TYR C 130 -48.45 40.52 -13.94
C TYR C 130 -47.22 41.28 -13.45
N VAL C 131 -47.30 42.61 -13.49
CA VAL C 131 -46.21 43.46 -13.03
C VAL C 131 -45.88 43.11 -11.58
N GLU C 132 -46.94 43.04 -10.79
CA GLU C 132 -46.83 42.73 -9.37
C GLU C 132 -46.16 41.38 -9.13
N GLU C 133 -46.37 40.44 -10.05
CA GLU C 133 -45.73 39.13 -9.95
C GLU C 133 -44.20 39.21 -10.00
N ILE C 134 -43.68 39.97 -10.97
CA ILE C 134 -42.24 40.13 -11.11
C ILE C 134 -41.72 40.98 -9.96
N LYS C 135 -42.55 41.91 -9.51
CA LYS C 135 -42.21 42.71 -8.34
C LYS C 135 -42.03 41.78 -7.14
N ASN C 136 -42.92 40.79 -7.08
CA ASN C 136 -42.93 39.80 -6.02
C ASN C 136 -41.67 38.95 -6.03
N ALA C 137 -41.32 38.47 -7.22
CA ALA C 137 -40.12 37.67 -7.38
C ALA C 137 -38.90 38.49 -6.98
N SER C 138 -38.93 39.77 -7.34
CA SER C 138 -37.84 40.69 -7.00
C SER C 138 -37.74 40.86 -5.49
N ILE C 139 -38.90 40.89 -4.82
CA ILE C 139 -38.95 41.00 -3.37
C ILE C 139 -38.28 39.77 -2.75
N LYS C 140 -38.63 38.61 -3.29
CA LYS C 140 -38.12 37.31 -2.82
C LYS C 140 -36.60 37.25 -2.96
N ARG C 141 -36.13 37.66 -4.12
CA ARG C 141 -34.72 37.62 -4.47
C ARG C 141 -33.93 38.58 -3.60
N LYS C 142 -34.47 39.78 -3.42
CA LYS C 142 -33.86 40.80 -2.57
C LYS C 142 -33.81 40.29 -1.13
N LEU C 143 -34.78 39.46 -0.79
CA LEU C 143 -34.84 38.88 0.55
C LEU C 143 -33.75 37.84 0.79
N PHE C 144 -33.61 36.90 -0.13
CA PHE C 144 -32.68 35.77 0.06
C PHE C 144 -31.24 36.18 0.36
N GLY C 145 -30.69 37.08 -0.45
CA GLY C 145 -29.32 37.53 -0.30
C GLY C 145 -29.14 38.21 1.04
N LEU C 146 -30.14 39.00 1.41
CA LEU C 146 -30.15 39.70 2.69
C LEU C 146 -30.11 38.70 3.83
N ALA C 147 -30.93 37.66 3.73
CA ALA C 147 -31.00 36.62 4.75
C ALA C 147 -29.64 35.97 4.91
N ASN C 148 -28.98 35.68 3.79
CA ASN C 148 -27.65 35.10 3.84
C ASN C 148 -26.68 36.05 4.55
N THR C 149 -26.80 37.33 4.22
CA THR C 149 -25.92 38.36 4.77
C THR C 149 -26.02 38.40 6.30
N ILE C 150 -27.23 38.63 6.78
CA ILE C 150 -27.46 38.77 8.21
C ILE C 150 -27.13 37.46 8.93
N ARG C 151 -27.33 36.33 8.25
CA ARG C 151 -26.95 35.03 8.79
C ARG C 151 -25.45 35.00 9.05
N GLU C 152 -24.69 35.47 8.07
CA GLU C 152 -23.24 35.49 8.16
C GLU C 152 -22.73 36.46 9.23
N GLN C 153 -23.44 37.57 9.41
CA GLN C 153 -23.05 38.58 10.41
C GLN C 153 -22.94 38.04 11.83
N ALA C 154 -23.83 37.12 12.20
CA ALA C 154 -23.87 36.56 13.54
C ALA C 154 -22.70 35.64 13.86
N LEU C 155 -21.98 35.21 12.82
CA LEU C 155 -20.79 34.35 12.94
C LEU C 155 -21.04 33.12 13.80
N LYS C 160 -19.29 39.75 17.85
CA LYS C 160 -20.03 40.98 17.61
C LYS C 160 -21.50 40.68 17.32
N SER C 161 -22.40 41.33 18.05
CA SER C 161 -23.83 41.01 17.93
C SER C 161 -24.77 42.22 18.07
N SER C 162 -24.36 43.24 18.80
CA SER C 162 -25.16 44.46 18.92
C SER C 162 -25.30 45.11 17.54
N ASP C 163 -24.22 45.03 16.77
CA ASP C 163 -24.20 45.52 15.41
C ASP C 163 -25.19 44.75 14.54
N ILE C 164 -25.31 43.45 14.78
CA ILE C 164 -26.29 42.63 14.07
C ILE C 164 -27.71 43.00 14.49
N LEU C 165 -27.87 43.34 15.77
CA LEU C 165 -29.16 43.76 16.28
C LEU C 165 -29.59 45.01 15.55
N GLY C 166 -28.63 45.91 15.31
CA GLY C 166 -28.90 47.12 14.56
C GLY C 166 -29.17 46.76 13.10
N ALA C 167 -28.44 45.76 12.61
CA ALA C 167 -28.52 45.33 11.21
C ALA C 167 -29.93 44.86 10.88
N VAL C 168 -30.57 44.23 11.85
CA VAL C 168 -31.94 43.79 11.67
C VAL C 168 -32.83 45.00 11.44
N GLU C 169 -32.61 46.03 12.25
CA GLU C 169 -33.41 47.26 12.17
C GLU C 169 -33.18 47.98 10.84
N ARG C 170 -31.94 47.97 10.37
CA ARG C 170 -31.59 48.63 9.12
C ARG C 170 -32.22 47.90 7.94
N GLU C 171 -32.19 46.56 8.00
CA GLU C 171 -32.81 45.75 6.96
C GLU C 171 -34.31 45.97 6.97
N VAL C 172 -34.85 46.16 8.18
CA VAL C 172 -36.27 46.40 8.37
C VAL C 172 -36.67 47.71 7.71
N TYR C 173 -35.88 48.75 7.96
CA TYR C 173 -36.11 50.05 7.36
C TYR C 173 -36.00 49.97 5.84
N ALA C 174 -35.06 49.13 5.38
CA ALA C 174 -34.83 48.97 3.95
C ALA C 174 -36.06 48.34 3.28
N LEU C 175 -36.57 47.29 3.88
CA LEU C 175 -37.73 46.59 3.33
C LEU C 175 -38.97 47.46 3.43
N LEU C 176 -39.09 48.18 4.55
CA LEU C 176 -40.24 49.03 4.79
C LEU C 176 -40.30 50.14 3.75
N ASN C 177 -39.14 50.72 3.45
CA ASN C 177 -39.06 51.76 2.43
C ASN C 177 -39.28 51.13 1.05
N GLY C 178 -38.90 49.87 0.92
CA GLY C 178 -39.01 49.16 -0.36
C GLY C 178 -40.47 48.90 -0.74
N SER C 179 -41.27 48.49 0.24
CA SER C 179 -42.65 48.11 -0.01
C SER C 179 -43.55 49.34 -0.16
N THR C 180 -43.30 50.35 0.67
CA THR C 180 -44.08 51.58 0.62
C THR C 180 -43.31 52.68 -0.10
N THR D 33 -10.40 25.36 8.70
CA THR D 33 -9.72 26.46 9.34
C THR D 33 -9.84 26.39 10.86
N MET D 34 -10.55 25.37 11.35
CA MET D 34 -10.73 25.08 12.78
C MET D 34 -11.21 26.29 13.61
N ASP D 35 -11.66 27.33 12.92
CA ASP D 35 -12.09 28.60 13.50
C ASP D 35 -13.30 28.56 14.48
N HIS D 36 -14.48 28.20 13.97
CA HIS D 36 -15.75 28.32 14.69
C HIS D 36 -15.85 27.54 16.02
N LEU D 37 -15.17 26.40 16.07
CA LEU D 37 -15.19 25.54 17.24
C LEU D 37 -14.53 26.26 18.42
N LYS D 38 -13.50 27.04 18.10
CA LYS D 38 -12.76 27.77 19.12
C LYS D 38 -13.64 28.81 19.81
N HIS D 39 -14.59 29.38 19.05
CA HIS D 39 -15.56 30.30 19.63
C HIS D 39 -16.56 29.55 20.50
N LEU D 40 -16.98 28.39 20.02
CA LEU D 40 -17.98 27.62 20.76
C LEU D 40 -17.44 27.17 22.13
N GLN D 41 -16.22 26.65 22.13
CA GLN D 41 -15.58 26.22 23.36
C GLN D 41 -15.52 27.39 24.36
N GLN D 42 -15.22 28.57 23.82
CA GLN D 42 -15.17 29.78 24.64
C GLN D 42 -16.52 30.12 25.24
N LEU D 43 -17.59 30.05 24.46
CA LEU D 43 -18.90 30.45 24.99
C LEU D 43 -19.27 29.48 26.11
N GLN D 44 -18.88 28.21 25.92
CA GLN D 44 -19.07 27.20 26.96
C GLN D 44 -18.35 27.66 28.23
N ASN D 45 -17.10 28.07 28.06
CA ASN D 45 -16.27 28.54 29.16
C ASN D 45 -16.94 29.70 29.91
N ILE D 46 -17.52 30.63 29.16
CA ILE D 46 -18.20 31.77 29.75
C ILE D 46 -19.36 31.30 30.62
N GLU D 47 -20.18 30.41 30.06
CA GLU D 47 -21.31 29.86 30.81
C GLU D 47 -20.82 29.24 32.12
N ARG D 48 -19.70 28.53 32.02
CA ARG D 48 -19.07 27.90 33.19
C ARG D 48 -18.77 28.94 34.26
N ILE D 49 -18.06 29.99 33.87
CA ILE D 49 -17.63 31.02 34.81
C ILE D 49 -18.83 31.69 35.46
N VAL D 50 -19.82 32.04 34.64
CA VAL D 50 -21.04 32.67 35.12
C VAL D 50 -21.69 31.83 36.21
N LEU D 51 -21.86 30.54 35.92
CA LEU D 51 -22.49 29.65 36.87
C LEU D 51 -21.66 29.54 38.15
N SER D 52 -20.34 29.55 38.00
CA SER D 52 -19.45 29.44 39.16
C SER D 52 -19.63 30.66 40.06
N GLY D 53 -19.71 31.83 39.44
CA GLY D 53 -19.86 33.07 40.16
C GLY D 53 -21.17 33.06 40.91
N ILE D 54 -22.20 32.46 40.31
CA ILE D 54 -23.48 32.36 40.98
C ILE D 54 -23.41 31.35 42.14
N VAL D 55 -22.62 30.30 41.96
CA VAL D 55 -22.38 29.33 43.04
C VAL D 55 -21.82 30.04 44.25
N LEU D 56 -20.79 30.85 44.03
CA LEU D 56 -20.18 31.63 45.11
C LEU D 56 -21.14 32.73 45.59
N ALA D 57 -21.73 33.47 44.66
CA ALA D 57 -22.66 34.54 45.02
C ALA D 57 -24.08 34.18 44.62
N ASN D 58 -24.84 33.68 45.58
CA ASN D 58 -26.21 33.23 45.34
C ASN D 58 -27.15 34.35 44.88
N HIS D 59 -26.89 35.56 45.37
CA HIS D 59 -27.79 36.69 45.14
C HIS D 59 -27.82 37.18 43.69
N LYS D 60 -26.74 36.95 42.96
CA LYS D 60 -26.59 37.42 41.59
C LYS D 60 -27.63 36.79 40.64
N ILE D 61 -28.24 35.69 41.09
CA ILE D 61 -29.19 34.96 40.27
C ILE D 61 -30.35 35.84 39.80
N GLU D 62 -30.78 36.80 40.62
CA GLU D 62 -31.88 37.67 40.24
C GLU D 62 -31.51 38.52 39.03
N GLU D 63 -30.35 39.15 39.08
CA GLU D 63 -29.91 40.03 38.01
C GLU D 63 -29.59 39.20 36.78
N VAL D 64 -29.27 37.92 36.98
CA VAL D 64 -29.08 37.03 35.83
C VAL D 64 -30.40 36.67 35.14
N HIS D 65 -31.32 36.09 35.91
CA HIS D 65 -32.63 35.67 35.40
C HIS D 65 -33.40 36.83 34.79
N SER D 66 -33.18 38.04 35.33
CA SER D 66 -33.82 39.24 34.80
C SER D 66 -33.50 39.44 33.33
N VAL D 67 -32.38 38.85 32.89
CA VAL D 67 -31.95 38.93 31.51
C VAL D 67 -32.14 37.61 30.78
N LEU D 68 -31.52 36.56 31.30
CA LEU D 68 -31.46 35.28 30.60
C LEU D 68 -32.56 34.30 31.00
N GLU D 69 -32.83 33.36 30.09
CA GLU D 69 -33.83 32.32 30.30
C GLU D 69 -33.16 30.96 30.11
N PRO D 70 -33.80 29.88 30.58
CA PRO D 70 -33.15 28.56 30.44
C PRO D 70 -32.89 28.19 28.99
N SER D 71 -33.80 28.59 28.11
CA SER D 71 -33.69 28.29 26.68
C SER D 71 -32.58 29.08 26.01
N ASP D 72 -32.12 30.13 26.69
CA ASP D 72 -31.15 31.07 26.10
C ASP D 72 -29.74 30.53 26.10
N PHE D 73 -29.50 29.46 26.85
CA PHE D 73 -28.16 28.88 26.91
C PHE D 73 -27.89 27.99 25.72
N TYR D 74 -26.65 28.03 25.24
CA TYR D 74 -26.27 27.15 24.14
C TYR D 74 -26.01 25.74 24.66
N TYR D 75 -25.11 25.61 25.62
CA TYR D 75 -24.76 24.31 26.16
C TYR D 75 -25.88 23.81 27.07
N PRO D 76 -26.56 22.74 26.65
CA PRO D 76 -27.73 22.18 27.36
C PRO D 76 -27.50 21.87 28.85
N PRO D 77 -26.38 21.21 29.23
CA PRO D 77 -26.24 20.96 30.67
C PRO D 77 -26.20 22.24 31.48
N ASN D 78 -25.65 23.29 30.89
CA ASN D 78 -25.57 24.61 31.53
C ASN D 78 -26.96 25.23 31.69
N GLY D 79 -27.80 25.08 30.67
CA GLY D 79 -29.15 25.61 30.70
C GLY D 79 -29.99 24.90 31.75
N LEU D 80 -29.84 23.58 31.81
CA LEU D 80 -30.58 22.78 32.78
C LEU D 80 -30.09 23.16 34.18
N PHE D 81 -28.79 23.35 34.29
CA PHE D 81 -28.10 23.78 35.50
C PHE D 81 -28.76 25.05 36.00
N PHE D 82 -28.97 25.97 35.06
CA PHE D 82 -29.59 27.26 35.30
C PHE D 82 -31.03 27.10 35.80
N GLU D 83 -31.76 26.19 35.15
CA GLU D 83 -33.17 25.94 35.48
C GLU D 83 -33.28 25.47 36.94
N ILE D 84 -32.42 24.51 37.29
CA ILE D 84 -32.41 23.95 38.64
C ILE D 84 -32.07 25.06 39.63
N ALA D 85 -31.08 25.88 39.27
CA ALA D 85 -30.68 27.01 40.11
C ALA D 85 -31.89 27.90 40.40
N LEU D 86 -32.70 28.15 39.36
CA LEU D 86 -33.88 28.99 39.51
C LEU D 86 -34.85 28.36 40.50
N LYS D 87 -35.12 27.07 40.30
CA LYS D 87 -36.07 26.36 41.15
C LYS D 87 -35.60 26.34 42.60
N LEU D 88 -34.29 26.33 42.80
CA LEU D 88 -33.71 26.36 44.15
C LEU D 88 -33.84 27.74 44.79
N HIS D 89 -33.60 28.79 44.01
CA HIS D 89 -33.67 30.14 44.57
C HIS D 89 -35.11 30.49 44.92
N GLU D 90 -36.04 30.01 44.11
CA GLU D 90 -37.46 30.29 44.33
C GLU D 90 -37.98 29.72 45.65
N GLU D 91 -37.37 28.63 46.09
CA GLU D 91 -37.75 27.99 47.35
C GLU D 91 -36.80 28.33 48.49
N ASP D 92 -36.01 29.38 48.31
CA ASP D 92 -35.03 29.80 49.31
C ASP D 92 -34.10 28.67 49.71
N CYS D 93 -33.52 28.00 48.72
CA CYS D 93 -32.54 26.97 49.00
C CYS D 93 -31.22 27.33 48.34
N PRO D 94 -30.14 27.32 49.13
CA PRO D 94 -28.82 27.74 48.65
C PRO D 94 -28.30 26.83 47.55
N ILE D 95 -27.32 27.31 46.81
CA ILE D 95 -26.83 26.58 45.64
C ILE D 95 -25.40 26.12 45.84
N ASP D 96 -25.22 24.80 45.82
CA ASP D 96 -23.90 24.19 45.92
C ASP D 96 -23.95 22.79 45.31
N GLU D 97 -22.85 22.05 45.44
CA GLU D 97 -22.74 20.70 44.89
C GLU D 97 -23.92 19.85 45.32
N ASN D 98 -24.11 19.75 46.63
CA ASN D 98 -25.13 18.91 47.23
C ASN D 98 -26.53 19.16 46.66
N PHE D 99 -26.95 20.42 46.67
CA PHE D 99 -28.29 20.79 46.22
C PHE D 99 -28.58 20.34 44.79
N ILE D 100 -27.67 20.68 43.88
CA ILE D 100 -27.83 20.36 42.46
C ILE D 100 -27.85 18.85 42.32
N ARG D 101 -26.92 18.20 43.01
CA ARG D 101 -26.78 16.76 42.94
C ARG D 101 -28.08 16.08 43.35
N GLN D 102 -28.76 16.64 44.35
CA GLN D 102 -30.00 16.06 44.83
C GLN D 102 -31.24 16.60 44.11
N LYS D 103 -31.28 17.91 43.87
CA LYS D 103 -32.46 18.51 43.26
C LYS D 103 -32.43 18.35 41.74
N MET D 104 -32.03 17.16 41.31
CA MET D 104 -32.05 16.82 39.89
C MET D 104 -33.49 16.54 39.43
N PRO D 105 -33.86 17.06 38.26
CA PRO D 105 -35.22 16.92 37.70
C PRO D 105 -35.59 15.50 37.30
N LYS D 106 -34.63 14.58 37.38
CA LYS D 106 -34.76 13.15 37.08
C LYS D 106 -35.30 12.84 35.67
N ASP D 107 -35.51 13.88 34.88
CA ASP D 107 -35.84 13.70 33.48
C ASP D 107 -34.54 13.74 32.69
N LYS D 108 -33.63 14.60 33.12
CA LYS D 108 -32.29 14.64 32.57
C LYS D 108 -31.27 14.97 33.65
N GLN D 109 -30.11 14.34 33.58
CA GLN D 109 -29.03 14.54 34.53
C GLN D 109 -27.80 15.15 33.87
N ILE D 110 -27.10 16.00 34.63
CA ILE D 110 -25.92 16.67 34.13
C ILE D 110 -24.72 15.73 34.26
N LYS D 111 -23.90 15.64 33.22
CA LYS D 111 -22.68 14.84 33.29
C LYS D 111 -21.76 15.34 34.40
N GLU D 112 -21.21 14.41 35.16
CA GLU D 112 -20.38 14.75 36.31
C GLU D 112 -19.17 15.57 35.92
N GLU D 113 -18.59 15.26 34.76
CA GLU D 113 -17.42 15.98 34.28
C GLU D 113 -17.74 17.45 34.09
N ASP D 114 -18.83 17.72 33.36
CA ASP D 114 -19.28 19.08 33.10
C ASP D 114 -19.64 19.76 34.42
N LEU D 115 -20.31 18.97 35.26
CA LEU D 115 -20.83 19.42 36.55
C LEU D 115 -19.70 19.99 37.38
N VAL D 116 -18.71 19.14 37.66
CA VAL D 116 -17.55 19.53 38.46
C VAL D 116 -16.80 20.65 37.75
N ALA D 117 -16.67 20.54 36.43
CA ALA D 117 -15.96 21.53 35.63
C ALA D 117 -16.51 22.93 35.88
N ILE D 118 -17.82 23.00 36.14
CA ILE D 118 -18.46 24.26 36.46
C ILE D 118 -17.88 24.83 37.75
N PHE D 119 -17.77 23.98 38.77
CA PHE D 119 -17.22 24.39 40.06
C PHE D 119 -15.72 24.71 39.96
N ALA D 120 -15.04 24.05 39.03
CA ALA D 120 -13.60 24.20 38.86
C ALA D 120 -13.25 25.56 38.29
N ALA D 121 -14.20 26.15 37.57
CA ALA D 121 -13.98 27.40 36.88
C ALA D 121 -13.59 28.52 37.83
N SER D 122 -12.68 29.38 37.40
CA SER D 122 -12.28 30.54 38.18
C SER D 122 -13.40 31.56 38.16
N PRO D 123 -14.03 31.80 39.33
CA PRO D 123 -15.14 32.74 39.42
C PRO D 123 -14.64 34.17 39.49
N ILE D 124 -15.12 35.02 38.59
CA ILE D 124 -14.68 36.41 38.55
C ILE D 124 -15.85 37.34 38.89
N ASP D 125 -15.58 38.31 39.77
CA ASP D 125 -16.60 39.25 40.24
C ASP D 125 -17.19 40.13 39.15
N ASN D 126 -18.41 40.60 39.40
CA ASN D 126 -19.17 41.47 38.50
C ASN D 126 -19.18 40.91 37.08
N ILE D 127 -19.99 39.89 36.87
CA ILE D 127 -20.06 39.19 35.59
C ILE D 127 -21.20 39.73 34.72
N GLU D 128 -21.81 40.82 35.16
CA GLU D 128 -22.97 41.41 34.50
C GLU D 128 -22.71 41.65 33.01
N ALA D 129 -21.44 41.83 32.65
CA ALA D 129 -21.06 41.97 31.25
C ALA D 129 -21.12 40.60 30.57
N TYR D 130 -20.71 39.56 31.30
CA TYR D 130 -20.62 38.22 30.76
C TYR D 130 -22.04 37.73 30.48
N VAL D 131 -22.95 38.13 31.37
CA VAL D 131 -24.35 37.77 31.26
C VAL D 131 -24.90 38.24 29.93
N GLU D 132 -24.75 39.54 29.67
CA GLU D 132 -25.23 40.13 28.44
C GLU D 132 -24.49 39.55 27.23
N GLU D 133 -23.23 39.16 27.43
CA GLU D 133 -22.47 38.52 26.35
C GLU D 133 -23.17 37.22 25.94
N ILE D 134 -23.60 36.43 26.92
CA ILE D 134 -24.31 35.18 26.63
C ILE D 134 -25.66 35.52 26.01
N LYS D 135 -26.24 36.63 26.45
CA LYS D 135 -27.48 37.13 25.85
C LYS D 135 -27.25 37.36 24.37
N ASN D 136 -26.07 37.89 24.05
CA ASN D 136 -25.67 38.21 22.69
C ASN D 136 -25.56 36.92 21.88
N ALA D 137 -24.93 35.90 22.47
CA ALA D 137 -24.81 34.62 21.78
C ALA D 137 -26.18 33.99 21.48
N SER D 138 -27.09 34.11 22.45
CA SER D 138 -28.44 33.58 22.30
C SER D 138 -29.14 34.33 21.18
N ILE D 139 -28.86 35.64 21.12
CA ILE D 139 -29.38 36.51 20.08
C ILE D 139 -28.88 36.00 18.74
N LYS D 140 -27.60 35.63 18.70
CA LYS D 140 -26.98 35.11 17.49
C LYS D 140 -27.71 33.86 17.01
N ARG D 141 -27.99 32.93 17.92
CA ARG D 141 -28.62 31.67 17.52
C ARG D 141 -30.04 31.93 17.00
N LYS D 142 -30.78 32.75 17.76
CA LYS D 142 -32.15 33.09 17.39
C LYS D 142 -32.18 33.81 16.04
N LEU D 143 -31.11 34.55 15.78
CA LEU D 143 -30.98 35.30 14.54
C LEU D 143 -30.77 34.31 13.41
N PHE D 144 -29.84 33.39 13.60
CA PHE D 144 -29.51 32.41 12.56
C PHE D 144 -30.79 31.71 12.16
N GLY D 145 -31.52 31.26 13.17
CA GLY D 145 -32.76 30.53 12.94
C GLY D 145 -33.80 31.37 12.22
N LEU D 146 -33.94 32.62 12.63
CA LEU D 146 -34.91 33.53 12.00
C LEU D 146 -34.58 33.79 10.52
N ALA D 147 -33.30 34.08 10.25
CA ALA D 147 -32.82 34.34 8.91
C ALA D 147 -33.07 33.12 8.05
N ASN D 148 -32.78 31.94 8.59
CA ASN D 148 -33.04 30.69 7.90
C ASN D 148 -34.54 30.53 7.62
N THR D 149 -35.36 30.96 8.57
CA THR D 149 -36.82 30.89 8.44
C THR D 149 -37.24 31.66 7.19
N ILE D 150 -36.84 32.93 7.14
CA ILE D 150 -37.21 33.77 6.00
C ILE D 150 -36.59 33.21 4.70
N ARG D 151 -35.44 32.54 4.83
CA ARG D 151 -34.83 31.86 3.69
C ARG D 151 -35.79 30.81 3.17
N GLU D 152 -36.44 30.09 4.09
CA GLU D 152 -37.41 29.06 3.74
C GLU D 152 -38.60 29.74 3.08
N GLN D 153 -38.91 30.95 3.55
CA GLN D 153 -39.97 31.73 2.93
C GLN D 153 -39.60 31.98 1.47
N ALA D 154 -38.32 32.24 1.22
CA ALA D 154 -37.84 32.47 -0.14
C ALA D 154 -37.82 31.17 -0.94
N LEU D 155 -37.81 30.05 -0.22
CA LEU D 155 -37.88 28.74 -0.86
C LEU D 155 -39.29 28.53 -1.37
N GLU D 156 -40.25 29.06 -0.62
CA GLU D 156 -41.65 29.00 -1.00
C GLU D 156 -42.02 30.20 -1.87
N SER D 157 -42.06 30.00 -3.18
CA SER D 157 -42.48 31.06 -4.08
C SER D 157 -43.92 31.45 -3.79
N ALA D 158 -44.08 32.38 -2.85
CA ALA D 158 -45.39 32.84 -2.43
C ALA D 158 -46.12 33.56 -3.57
N SER D 161 -45.76 37.55 -2.51
CA SER D 161 -44.62 38.09 -1.77
C SER D 161 -45.05 39.11 -0.73
N SER D 162 -46.21 39.73 -0.94
CA SER D 162 -46.74 40.66 0.05
C SER D 162 -46.98 39.89 1.35
N ASP D 163 -47.39 38.64 1.20
CA ASP D 163 -47.52 37.73 2.34
C ASP D 163 -46.13 37.45 2.91
N ILE D 164 -45.17 37.28 2.02
CA ILE D 164 -43.78 37.10 2.41
C ILE D 164 -43.21 38.39 2.99
N LEU D 165 -43.67 39.52 2.45
CA LEU D 165 -43.25 40.84 2.91
C LEU D 165 -43.63 41.06 4.36
N GLY D 166 -44.82 40.58 4.74
CA GLY D 166 -45.32 40.73 6.09
C GLY D 166 -44.49 39.95 7.11
N ALA D 167 -43.99 38.79 6.70
CA ALA D 167 -43.26 37.90 7.60
C ALA D 167 -42.05 38.59 8.21
N VAL D 168 -41.40 39.45 7.43
CA VAL D 168 -40.26 40.22 7.91
C VAL D 168 -40.68 41.16 9.05
N GLU D 169 -41.80 41.84 8.85
CA GLU D 169 -42.30 42.82 9.82
C GLU D 169 -42.64 42.16 11.15
N ARG D 170 -43.19 40.95 11.10
CA ARG D 170 -43.56 40.22 12.30
C ARG D 170 -42.30 39.82 13.05
N GLU D 171 -41.29 39.42 12.28
CA GLU D 171 -40.00 39.04 12.84
C GLU D 171 -39.31 40.24 13.48
N VAL D 172 -39.55 41.41 12.91
CA VAL D 172 -38.95 42.66 13.38
C VAL D 172 -39.43 42.96 14.80
N TYR D 173 -40.73 42.84 15.02
CA TYR D 173 -41.31 43.08 16.34
C TYR D 173 -40.73 42.11 17.36
N ALA D 174 -40.46 40.89 16.91
CA ALA D 174 -39.90 39.85 17.78
C ALA D 174 -38.50 40.25 18.23
N LEU D 175 -37.68 40.65 17.27
CA LEU D 175 -36.30 41.03 17.55
C LEU D 175 -36.23 42.33 18.34
N LEU D 176 -37.10 43.27 17.99
CA LEU D 176 -37.11 44.59 18.63
C LEU D 176 -37.49 44.45 20.11
N ASN D 177 -38.48 43.61 20.38
CA ASN D 177 -38.92 43.36 21.75
C ASN D 177 -37.88 42.56 22.52
N GLY D 178 -37.11 41.73 21.81
CA GLY D 178 -36.14 40.85 22.43
C GLY D 178 -34.97 41.63 23.02
N SER D 179 -34.46 42.61 22.28
CA SER D 179 -33.30 43.36 22.72
C SER D 179 -33.71 44.42 23.73
N THR D 180 -34.84 45.06 23.48
CA THR D 180 -35.35 46.11 24.37
C THR D 180 -36.48 45.57 25.25
TA1 TBR E . 41.36 30.65 18.28
TA2 TBR E . 40.81 28.14 19.67
TA3 TBR E . 42.98 29.87 20.60
TA4 TBR E . 40.52 29.60 22.19
TA5 TBR E . 41.08 32.11 20.80
TA6 TBR E . 38.90 30.39 19.87
BR1 TBR E . 41.32 28.32 17.12
BR2 TBR E . 43.96 30.45 18.24
BR3 TBR E . 41.65 33.22 18.51
BR4 TBR E . 38.96 31.12 17.38
BR5 TBR E . 43.25 27.34 19.97
BR6 TBR E . 43.60 32.28 21.37
BR7 TBR E . 40.58 31.94 23.35
BR8 TBR E . 37.93 29.80 22.23
BR9 TBR E . 40.24 27.04 21.96
BRA TBR E . 42.93 29.12 23.10
BRB TBR E . 38.64 32.92 20.48
BRC TBR E . 38.29 27.98 19.11
#